data_8QEJ
#
_entry.id   8QEJ
#
loop_
_entity.id
_entity.type
_entity.pdbx_description
1 polymer 'RASK GTPase (Fragment)'
2 non-polymer (5~{S})-5-(1~{H}-indol-2-yl)pyrrolidin-2-one
#
_entity_poly.entity_id   1
_entity_poly.type   'polypeptide(L)'
_entity_poly.pdbx_seq_one_letter_code
;MTEYKLVVVGAVGVGKSALTIQLIQNHFVDEYDPTIEDSYRKQVVIDGETCLLDILDTAGQEEYSAMRDQYMRTGEGFLC
VFAINNTKSFEDIHHYREQIKRVKDSEDVPMVLVGNKSDLPSRTVDTKQAQDLARSYGIPFIETSAKTRQGVDDAFYTLV
REIRKHKEK
;
_entity_poly.pdbx_strand_id   A
#
loop_
_chem_comp.id
_chem_comp.type
_chem_comp.name
_chem_comp.formula
UAO non-polymer (5~{S})-5-(1~{H}-indol-2-yl)pyrrolidin-2-one 'C12 H12 N2 O'
#
# COMPACT_ATOMS: atom_id res chain seq x y z
N MET A 1 9.29 6.08 -20.68
CA MET A 1 8.57 6.11 -19.42
C MET A 1 8.06 4.71 -19.06
N THR A 2 8.62 4.16 -17.99
CA THR A 2 8.25 2.84 -17.54
C THR A 2 7.07 2.87 -16.58
N GLU A 3 6.11 1.99 -16.80
CA GLU A 3 4.93 1.89 -15.96
C GLU A 3 5.12 0.81 -14.92
N TYR A 4 4.60 1.02 -13.73
CA TYR A 4 4.71 0.04 -12.65
C TYR A 4 3.33 -0.33 -12.14
N LYS A 5 3.01 -1.61 -12.18
CA LYS A 5 1.72 -2.11 -11.71
C LYS A 5 1.68 -2.10 -10.19
N LEU A 6 0.78 -1.33 -9.61
CA LEU A 6 0.66 -1.24 -8.17
C LEU A 6 -0.70 -1.71 -7.69
N VAL A 7 -0.72 -2.73 -6.83
CA VAL A 7 -1.96 -3.26 -6.29
C VAL A 7 -2.12 -2.82 -4.85
N VAL A 8 -3.19 -2.12 -4.55
CA VAL A 8 -3.45 -1.65 -3.21
C VAL A 8 -4.66 -2.33 -2.58
N VAL A 9 -4.42 -3.11 -1.53
CA VAL A 9 -5.46 -3.82 -0.82
C VAL A 9 -5.32 -3.60 0.69
N GLY A 10 -6.10 -4.33 1.48
CA GLY A 10 -6.04 -4.18 2.91
C GLY A 10 -7.41 -4.27 3.55
N ALA A 11 -7.57 -3.66 4.71
CA ALA A 11 -8.84 -3.68 5.42
C ALA A 11 -9.75 -2.52 4.98
N VAL A 12 -10.89 -2.38 5.65
CA VAL A 12 -11.84 -1.33 5.33
C VAL A 12 -11.75 -0.19 6.35
N GLY A 13 -11.78 1.04 5.88
CA GLY A 13 -11.71 2.19 6.77
C GLY A 13 -10.30 2.67 6.99
N VAL A 14 -9.36 2.08 6.26
CA VAL A 14 -7.96 2.46 6.37
C VAL A 14 -7.68 3.78 5.66
N GLY A 15 -8.42 4.02 4.58
CA GLY A 15 -8.25 5.25 3.83
C GLY A 15 -7.28 5.09 2.68
N LYS A 16 -7.33 3.94 2.02
CA LYS A 16 -6.45 3.64 0.90
C LYS A 16 -6.69 4.64 -0.23
N SER A 17 -7.95 4.75 -0.63
CA SER A 17 -8.36 5.64 -1.71
C SER A 17 -7.98 7.09 -1.40
N ALA A 18 -8.14 7.49 -0.14
CA ALA A 18 -7.82 8.85 0.30
C ALA A 18 -6.37 9.22 0.02
N LEU A 19 -5.47 8.27 0.24
CA LEU A 19 -4.04 8.49 0.00
C LEU A 19 -3.76 8.75 -1.47
N THR A 20 -4.35 7.93 -2.33
CA THR A 20 -4.16 8.06 -3.77
C THR A 20 -4.68 9.41 -4.28
N ILE A 21 -5.86 9.82 -3.80
CA ILE A 21 -6.45 11.08 -4.21
C ILE A 21 -5.56 12.27 -3.83
N GLN A 22 -4.87 12.12 -2.71
CA GLN A 22 -3.98 13.17 -2.21
C GLN A 22 -2.76 13.33 -3.14
N LEU A 23 -2.42 12.27 -3.85
CA LEU A 23 -1.29 12.32 -4.77
C LEU A 23 -1.76 12.65 -6.17
N ILE A 24 -2.89 12.08 -6.56
CA ILE A 24 -3.46 12.29 -7.89
C ILE A 24 -3.85 13.76 -8.13
N GLN A 25 -4.71 14.29 -7.27
CA GLN A 25 -5.16 15.67 -7.45
C GLN A 25 -4.97 16.50 -6.18
N ASN A 26 -4.26 15.93 -5.21
CA ASN A 26 -3.97 16.60 -3.94
C ASN A 26 -5.25 17.05 -3.25
N HIS A 27 -6.18 16.13 -3.10
CA HIS A 27 -7.47 16.41 -2.46
C HIS A 27 -7.71 15.43 -1.33
N PHE A 28 -8.32 15.92 -0.25
CA PHE A 28 -8.61 15.10 0.90
C PHE A 28 -10.12 14.98 1.10
N VAL A 29 -10.60 13.75 1.18
CA VAL A 29 -12.02 13.51 1.38
C VAL A 29 -12.30 12.92 2.77
N ASP A 30 -13.16 13.59 3.52
CA ASP A 30 -13.50 13.16 4.88
C ASP A 30 -14.51 12.01 4.84
N GLU A 31 -15.45 12.10 3.91
CA GLU A 31 -16.47 11.08 3.75
C GLU A 31 -15.88 9.83 3.12
N TYR A 32 -16.26 8.67 3.63
CA TYR A 32 -15.77 7.41 3.10
C TYR A 32 -16.66 6.91 1.96
N ASP A 33 -16.02 6.40 0.92
CA ASP A 33 -16.74 5.89 -0.24
C ASP A 33 -16.33 4.44 -0.48
N PRO A 34 -17.31 3.54 -0.72
CA PRO A 34 -17.04 2.13 -0.97
C PRO A 34 -16.35 1.90 -2.31
N THR A 35 -15.03 1.92 -2.30
CA THR A 35 -14.25 1.73 -3.50
C THR A 35 -14.11 0.25 -3.84
N ILE A 36 -14.63 -0.12 -5.00
CA ILE A 36 -14.57 -1.49 -5.48
C ILE A 36 -13.29 -1.69 -6.28
N GLU A 37 -13.07 -0.78 -7.22
CA GLU A 37 -11.90 -0.82 -8.08
C GLU A 37 -11.70 0.55 -8.72
N ASP A 38 -10.56 1.17 -8.46
CA ASP A 38 -10.24 2.47 -9.02
C ASP A 38 -8.86 2.46 -9.66
N SER A 39 -8.74 3.04 -10.84
CA SER A 39 -7.48 3.07 -11.56
C SER A 39 -6.87 4.47 -11.51
N TYR A 40 -5.72 4.60 -10.85
CA TYR A 40 -5.05 5.88 -10.73
C TYR A 40 -3.67 5.83 -11.37
N ARG A 41 -3.53 6.49 -12.52
CA ARG A 41 -2.26 6.50 -13.23
C ARG A 41 -1.66 7.91 -13.29
N LYS A 42 -0.65 8.14 -12.46
CA LYS A 42 0.02 9.44 -12.44
C LYS A 42 1.52 9.27 -12.63
N GLN A 43 2.12 10.20 -13.35
CA GLN A 43 3.55 10.18 -13.61
C GLN A 43 4.26 10.86 -12.45
N VAL A 44 5.04 10.09 -11.72
CA VAL A 44 5.76 10.61 -10.57
C VAL A 44 7.27 10.52 -10.81
N VAL A 45 8.00 11.51 -10.33
CA VAL A 45 9.44 11.53 -10.49
C VAL A 45 10.08 10.90 -9.25
N ILE A 46 10.51 9.65 -9.39
CA ILE A 46 11.12 8.93 -8.29
C ILE A 46 12.64 8.92 -8.43
N ASP A 47 13.31 9.64 -7.54
CA ASP A 47 14.77 9.73 -7.51
C ASP A 47 15.34 10.30 -8.81
N GLY A 48 14.59 11.20 -9.44
CA GLY A 48 15.06 11.81 -10.68
C GLY A 48 14.47 11.19 -11.91
N GLU A 49 14.00 9.95 -11.81
CA GLU A 49 13.42 9.27 -12.94
C GLU A 49 11.89 9.28 -12.87
N THR A 50 11.26 9.74 -13.93
CA THR A 50 9.81 9.81 -13.97
C THR A 50 9.21 8.48 -14.41
N CYS A 51 8.45 7.87 -13.51
CA CYS A 51 7.83 6.60 -13.79
C CYS A 51 6.30 6.73 -13.74
N LEU A 52 5.61 5.88 -14.49
CA LEU A 52 4.17 5.91 -14.54
C LEU A 52 3.60 4.90 -13.55
N LEU A 53 3.02 5.40 -12.48
CA LEU A 53 2.45 4.54 -11.46
C LEU A 53 1.04 4.10 -11.79
N ASP A 54 0.91 2.83 -12.16
CA ASP A 54 -0.38 2.26 -12.49
C ASP A 54 -0.98 1.67 -11.21
N ILE A 55 -1.54 2.54 -10.39
CA ILE A 55 -2.11 2.13 -9.11
C ILE A 55 -3.55 1.65 -9.24
N LEU A 56 -3.80 0.44 -8.76
CA LEU A 56 -5.13 -0.14 -8.79
C LEU A 56 -5.68 -0.25 -7.36
N ASP A 57 -6.55 0.68 -7.02
CA ASP A 57 -7.17 0.70 -5.70
C ASP A 57 -8.35 -0.27 -5.69
N THR A 58 -8.11 -1.48 -5.23
CA THR A 58 -9.15 -2.50 -5.20
C THR A 58 -9.59 -2.79 -3.77
N ALA A 59 -10.63 -3.62 -3.64
CA ALA A 59 -11.15 -3.98 -2.33
C ALA A 59 -10.68 -5.37 -1.93
N GLY A 60 -9.94 -5.45 -0.84
CA GLY A 60 -9.45 -6.73 -0.36
C GLY A 60 -10.45 -7.42 0.54
N GLN A 61 -11.61 -7.73 0.00
CA GLN A 61 -12.66 -8.39 0.77
C GLN A 61 -12.80 -9.85 0.35
N GLU A 62 -13.54 -10.61 1.15
CA GLU A 62 -13.76 -12.03 0.89
C GLU A 62 -14.51 -12.28 -0.43
N GLU A 63 -15.33 -11.32 -0.83
CA GLU A 63 -16.08 -11.44 -2.07
C GLU A 63 -15.20 -11.24 -3.29
N TYR A 64 -13.94 -10.89 -3.07
CA TYR A 64 -13.01 -10.65 -4.16
C TYR A 64 -11.76 -11.52 -4.01
N SER A 65 -11.86 -12.55 -3.17
CA SER A 65 -10.73 -13.45 -2.93
C SER A 65 -10.35 -14.26 -4.16
N ALA A 66 -11.32 -14.56 -5.02
CA ALA A 66 -11.06 -15.35 -6.22
C ALA A 66 -10.56 -14.49 -7.37
N MET A 67 -10.78 -13.18 -7.27
CA MET A 67 -10.35 -12.26 -8.32
C MET A 67 -9.05 -11.56 -7.92
N ARG A 68 -8.73 -11.61 -6.63
CA ARG A 68 -7.54 -10.97 -6.10
C ARG A 68 -6.27 -11.48 -6.77
N ASP A 69 -6.22 -12.78 -7.02
CA ASP A 69 -5.06 -13.41 -7.64
C ASP A 69 -4.82 -12.94 -9.07
N GLN A 70 -5.89 -12.49 -9.71
CA GLN A 70 -5.79 -12.03 -11.09
C GLN A 70 -4.90 -10.80 -11.23
N TYR A 71 -5.15 -9.79 -10.41
CA TYR A 71 -4.35 -8.56 -10.48
C TYR A 71 -3.06 -8.66 -9.67
N MET A 72 -3.03 -9.55 -8.70
CA MET A 72 -1.84 -9.72 -7.85
C MET A 72 -0.68 -10.35 -8.62
N ARG A 73 -0.99 -11.10 -9.67
CA ARG A 73 0.05 -11.75 -10.47
C ARG A 73 0.78 -10.71 -11.32
N THR A 74 0.02 -9.84 -11.97
CA THR A 74 0.59 -8.79 -12.81
C THR A 74 1.15 -7.64 -11.96
N GLY A 75 0.63 -7.50 -10.74
CA GLY A 75 1.07 -6.45 -9.85
C GLY A 75 2.53 -6.56 -9.48
N GLU A 76 3.23 -5.45 -9.49
CA GLU A 76 4.65 -5.41 -9.17
C GLU A 76 4.87 -4.77 -7.81
N GLY A 77 4.24 -3.62 -7.61
CA GLY A 77 4.38 -2.91 -6.34
C GLY A 77 3.18 -3.15 -5.44
N PHE A 78 3.45 -3.44 -4.19
CA PHE A 78 2.39 -3.71 -3.22
C PHE A 78 2.48 -2.80 -2.01
N LEU A 79 1.49 -1.92 -1.87
CA LEU A 79 1.43 -1.00 -0.74
C LEU A 79 0.60 -1.58 0.39
N CYS A 80 1.27 -2.11 1.41
CA CYS A 80 0.57 -2.68 2.54
C CYS A 80 0.12 -1.57 3.49
N VAL A 81 -1.04 -1.00 3.19
CA VAL A 81 -1.59 0.08 4.00
C VAL A 81 -2.46 -0.45 5.13
N PHE A 82 -1.99 -0.25 6.35
CA PHE A 82 -2.74 -0.70 7.53
C PHE A 82 -3.08 0.50 8.41
N ALA A 83 -3.94 0.29 9.39
CA ALA A 83 -4.35 1.36 10.29
C ALA A 83 -3.77 1.16 11.68
N ILE A 84 -3.38 2.26 12.30
CA ILE A 84 -2.82 2.21 13.64
C ILE A 84 -3.92 2.09 14.69
N ASN A 85 -5.12 2.53 14.32
CA ASN A 85 -6.26 2.46 15.22
C ASN A 85 -6.87 1.06 15.18
N ASN A 86 -6.97 0.52 13.98
CA ASN A 86 -7.53 -0.81 13.79
C ASN A 86 -6.43 -1.87 13.83
N THR A 87 -6.24 -2.48 15.00
CA THR A 87 -5.21 -3.49 15.18
C THR A 87 -5.51 -4.77 14.39
N LYS A 88 -6.77 -4.94 13.97
CA LYS A 88 -7.16 -6.12 13.22
C LYS A 88 -6.53 -6.11 11.82
N SER A 89 -6.43 -4.92 11.23
CA SER A 89 -5.83 -4.79 9.90
C SER A 89 -4.35 -5.19 9.95
N PHE A 90 -3.74 -5.01 11.12
CA PHE A 90 -2.34 -5.35 11.32
C PHE A 90 -2.15 -6.86 11.31
N GLU A 91 -3.16 -7.58 11.76
CA GLU A 91 -3.12 -9.03 11.81
C GLU A 91 -3.58 -9.64 10.48
N ASP A 92 -4.25 -8.82 9.68
CA ASP A 92 -4.75 -9.27 8.38
C ASP A 92 -3.63 -9.39 7.36
N ILE A 93 -2.48 -8.80 7.69
CA ILE A 93 -1.32 -8.82 6.81
C ILE A 93 -0.76 -10.25 6.67
N HIS A 94 -1.06 -11.11 7.63
CA HIS A 94 -0.60 -12.49 7.59
C HIS A 94 -1.27 -13.23 6.44
N HIS A 95 -2.59 -13.07 6.34
CA HIS A 95 -3.37 -13.71 5.28
C HIS A 95 -2.88 -13.23 3.91
N TYR A 96 -2.65 -11.92 3.82
CA TYR A 96 -2.19 -11.33 2.57
C TYR A 96 -0.82 -11.86 2.19
N ARG A 97 0.07 -11.97 3.19
CA ARG A 97 1.42 -12.48 2.97
C ARG A 97 1.36 -13.88 2.36
N GLU A 98 0.48 -14.71 2.89
CA GLU A 98 0.30 -16.07 2.42
C GLU A 98 -0.23 -16.10 0.99
N GLN A 99 -1.22 -15.25 0.70
CA GLN A 99 -1.82 -15.20 -0.62
C GLN A 99 -0.86 -14.63 -1.65
N ILE A 100 -0.26 -13.49 -1.35
CA ILE A 100 0.67 -12.85 -2.27
C ILE A 100 1.84 -13.78 -2.61
N LYS A 101 2.33 -14.50 -1.61
CA LYS A 101 3.42 -15.45 -1.80
C LYS A 101 3.01 -16.54 -2.78
N ARG A 102 1.75 -16.93 -2.70
CA ARG A 102 1.20 -17.97 -3.56
C ARG A 102 0.97 -17.44 -4.97
N VAL A 103 0.49 -16.21 -5.08
CA VAL A 103 0.23 -15.60 -6.37
C VAL A 103 1.51 -15.22 -7.11
N LYS A 104 2.49 -14.71 -6.37
CA LYS A 104 3.76 -14.31 -6.97
C LYS A 104 4.72 -15.48 -7.13
N ASP A 105 4.43 -16.59 -6.46
CA ASP A 105 5.25 -17.80 -6.52
C ASP A 105 6.64 -17.55 -5.96
N SER A 106 6.77 -16.53 -5.12
CA SER A 106 8.05 -16.18 -4.52
C SER A 106 7.85 -15.65 -3.12
N GLU A 107 8.74 -16.02 -2.21
CA GLU A 107 8.68 -15.57 -0.83
C GLU A 107 9.26 -14.18 -0.69
N ASP A 108 10.33 -13.93 -1.44
CA ASP A 108 10.99 -12.64 -1.42
C ASP A 108 10.52 -11.79 -2.58
N VAL A 109 9.67 -10.82 -2.28
CA VAL A 109 9.12 -9.91 -3.29
C VAL A 109 9.22 -8.47 -2.81
N PRO A 110 9.28 -7.50 -3.74
CA PRO A 110 9.37 -6.08 -3.41
C PRO A 110 8.04 -5.56 -2.86
N MET A 111 8.04 -5.16 -1.60
CA MET A 111 6.83 -4.67 -0.95
C MET A 111 7.17 -3.62 0.10
N VAL A 112 6.21 -2.78 0.44
CA VAL A 112 6.40 -1.73 1.44
C VAL A 112 5.25 -1.72 2.45
N LEU A 113 5.57 -1.37 3.68
CA LEU A 113 4.57 -1.31 4.73
C LEU A 113 4.30 0.13 5.12
N VAL A 114 3.05 0.56 5.02
CA VAL A 114 2.69 1.94 5.34
C VAL A 114 1.48 2.00 6.26
N GLY A 115 1.57 2.84 7.29
CA GLY A 115 0.48 2.99 8.22
C GLY A 115 -0.21 4.31 8.02
N ASN A 116 -1.46 4.27 7.60
CA ASN A 116 -2.22 5.49 7.34
C ASN A 116 -2.92 6.00 8.59
N LYS A 117 -3.27 7.29 8.58
CA LYS A 117 -3.95 7.93 9.70
C LYS A 117 -3.11 7.87 10.97
N SER A 118 -1.81 8.10 10.82
CA SER A 118 -0.88 8.09 11.93
C SER A 118 -1.05 9.33 12.81
N ASP A 119 -1.83 10.29 12.30
CA ASP A 119 -2.08 11.53 13.01
C ASP A 119 -3.27 11.39 13.96
N LEU A 120 -3.72 10.16 14.15
CA LEU A 120 -4.84 9.89 15.04
C LEU A 120 -4.30 9.62 16.45
N PRO A 121 -4.94 10.21 17.48
CA PRO A 121 -4.51 10.03 18.87
C PRO A 121 -4.71 8.60 19.35
N SER A 122 -5.67 7.91 18.74
CA SER A 122 -5.97 6.54 19.08
C SER A 122 -5.01 5.59 18.36
N ARG A 123 -3.86 5.35 18.96
CA ARG A 123 -2.86 4.48 18.38
C ARG A 123 -2.82 3.13 19.11
N THR A 124 -3.53 2.16 18.56
CA THR A 124 -3.59 0.82 19.14
C THR A 124 -2.36 0.01 18.71
N VAL A 125 -1.98 0.15 17.45
CA VAL A 125 -0.82 -0.56 16.93
C VAL A 125 0.45 0.19 17.33
N ASP A 126 1.27 -0.45 18.13
CA ASP A 126 2.51 0.15 18.59
C ASP A 126 3.57 0.16 17.50
N THR A 127 4.41 1.20 17.51
CA THR A 127 5.47 1.36 16.54
C THR A 127 6.45 0.19 16.57
N LYS A 128 6.74 -0.33 17.76
CA LYS A 128 7.66 -1.45 17.90
C LYS A 128 7.10 -2.71 17.25
N GLN A 129 5.79 -2.92 17.42
CA GLN A 129 5.11 -4.07 16.84
C GLN A 129 5.20 -4.03 15.33
N ALA A 130 4.89 -2.86 14.76
CA ALA A 130 4.93 -2.67 13.31
C ALA A 130 6.35 -2.81 12.77
N GLN A 131 7.30 -2.17 13.44
CA GLN A 131 8.70 -2.21 13.05
C GLN A 131 9.24 -3.63 13.07
N ASP A 132 8.93 -4.36 14.14
CA ASP A 132 9.38 -5.74 14.31
C ASP A 132 8.84 -6.63 13.20
N LEU A 133 7.54 -6.51 12.94
CA LEU A 133 6.90 -7.32 11.91
C LEU A 133 7.44 -6.97 10.52
N ALA A 134 7.78 -5.70 10.34
CA ALA A 134 8.31 -5.23 9.07
C ALA A 134 9.62 -5.93 8.76
N ARG A 135 10.45 -6.11 9.77
CA ARG A 135 11.74 -6.78 9.62
C ARG A 135 11.55 -8.25 9.31
N SER A 136 10.53 -8.85 9.91
CA SER A 136 10.23 -10.27 9.70
C SER A 136 9.88 -10.53 8.23
N TYR A 137 9.08 -9.62 7.66
CA TYR A 137 8.67 -9.75 6.27
C TYR A 137 9.78 -9.29 5.34
N GLY A 138 10.56 -8.32 5.79
CA GLY A 138 11.64 -7.79 4.98
C GLY A 138 11.20 -6.59 4.18
N ILE A 139 10.32 -5.79 4.78
CA ILE A 139 9.79 -4.60 4.12
C ILE A 139 9.94 -3.37 5.02
N PRO A 140 10.18 -2.19 4.42
CA PRO A 140 10.33 -0.94 5.17
C PRO A 140 8.99 -0.38 5.64
N PHE A 141 9.01 0.39 6.72
CA PHE A 141 7.80 0.97 7.28
C PHE A 141 7.82 2.49 7.17
N ILE A 142 6.70 3.05 6.75
CA ILE A 142 6.55 4.50 6.59
C ILE A 142 5.21 4.96 7.18
N GLU A 143 5.27 5.90 8.10
CA GLU A 143 4.06 6.44 8.71
C GLU A 143 3.45 7.47 7.78
N THR A 144 2.28 7.15 7.23
CA THR A 144 1.61 8.01 6.29
C THR A 144 0.36 8.67 6.88
N SER A 145 -0.14 9.69 6.20
CA SER A 145 -1.31 10.43 6.64
C SER A 145 -1.94 11.12 5.43
N ALA A 146 -3.26 11.06 5.34
CA ALA A 146 -3.97 11.69 4.23
C ALA A 146 -4.47 13.08 4.62
N LYS A 147 -4.57 13.31 5.92
CA LYS A 147 -5.04 14.59 6.42
C LYS A 147 -3.87 15.55 6.67
N THR A 148 -2.82 15.05 7.29
CA THR A 148 -1.66 15.88 7.61
C THR A 148 -0.59 15.80 6.52
N ARG A 149 -0.60 14.71 5.75
CA ARG A 149 0.38 14.48 4.69
C ARG A 149 1.80 14.41 5.25
N GLN A 150 2.16 13.23 5.75
CA GLN A 150 3.48 13.03 6.33
C GLN A 150 4.36 12.18 5.43
N GLY A 151 5.07 12.82 4.51
CA GLY A 151 5.95 12.10 3.61
C GLY A 151 5.24 11.10 2.73
N VAL A 152 4.04 11.45 2.27
CA VAL A 152 3.26 10.56 1.42
C VAL A 152 3.94 10.43 0.06
N ASP A 153 4.51 11.52 -0.39
CA ASP A 153 5.21 11.56 -1.67
C ASP A 153 6.40 10.61 -1.65
N ASP A 154 7.18 10.69 -0.57
CA ASP A 154 8.37 9.86 -0.42
C ASP A 154 8.01 8.38 -0.23
N ALA A 155 6.82 8.13 0.31
CA ALA A 155 6.35 6.77 0.53
C ALA A 155 6.29 6.02 -0.79
N PHE A 156 5.79 6.71 -1.83
CA PHE A 156 5.69 6.13 -3.16
C PHE A 156 7.08 6.00 -3.79
N TYR A 157 7.96 6.94 -3.46
CA TYR A 157 9.33 6.94 -3.98
C TYR A 157 10.06 5.70 -3.50
N THR A 158 10.02 5.48 -2.18
CA THR A 158 10.68 4.34 -1.57
C THR A 158 10.15 3.01 -2.12
N LEU A 159 8.88 3.00 -2.48
CA LEU A 159 8.27 1.79 -3.04
C LEU A 159 9.02 1.37 -4.30
N VAL A 160 9.26 2.34 -5.18
CA VAL A 160 9.98 2.08 -6.41
C VAL A 160 11.43 1.72 -6.11
N ARG A 161 12.00 2.38 -5.11
CA ARG A 161 13.38 2.13 -4.69
C ARG A 161 13.59 0.66 -4.35
N GLU A 162 12.65 0.07 -3.61
CA GLU A 162 12.73 -1.33 -3.24
C GLU A 162 12.58 -2.23 -4.47
N ILE A 163 11.66 -1.86 -5.35
CA ILE A 163 11.41 -2.62 -6.57
C ILE A 163 12.62 -2.62 -7.49
N ARG A 164 13.31 -1.48 -7.56
CA ARG A 164 14.49 -1.34 -8.42
C ARG A 164 15.61 -2.29 -7.99
N LYS A 165 15.73 -2.50 -6.69
CA LYS A 165 16.76 -3.39 -6.16
C LYS A 165 16.46 -4.86 -6.45
N HIS A 166 15.23 -5.11 -6.89
CA HIS A 166 14.79 -6.45 -7.23
C HIS A 166 15.13 -6.74 -8.68
N LYS A 167 15.62 -5.72 -9.37
CA LYS A 167 15.99 -5.83 -10.77
C LYS A 167 17.49 -5.61 -10.97
N GLU A 168 17.96 -4.44 -10.53
CA GLU A 168 19.37 -4.10 -10.65
C GLU A 168 20.12 -4.42 -9.36
C4 UAO B . -2.71 -5.16 -11.65
C5 UAO B . -4.70 -5.22 -13.12
C6 UAO B . -6.63 -4.46 -14.58
C7 UAO B . -7.15 -5.89 -14.45
N12 UAO B . -4.97 -3.05 -13.28
C13 UAO B . -3.91 -3.27 -12.51
O UAO B . -6.94 -5.39 -17.90
C11 UAO B . -7.00 -5.23 -16.68
C9 UAO B . -7.95 -5.98 -15.75
N UAO B . -6.25 -4.38 -15.99
C12 UAO B . -5.43 -4.24 -13.65
C14 UAO B . -3.74 -4.65 -12.40
C3 UAO B . -1.83 -4.31 -10.99
C2 UAO B . -2.00 -2.93 -11.09
C1 UAO B . -3.04 -2.41 -11.85
H4 UAO B . -2.56 -6.24 -11.59
H5 UAO B . -4.83 -6.28 -13.30
H6 UAO B . -7.42 -3.71 -14.40
H8 UAO B . -6.35 -6.65 -14.44
H7 UAO B . -7.75 -6.05 -13.53
H12 UAO B . -5.34 -2.16 -13.53
H10 UAO B . -8.90 -5.45 -15.71
H9 UAO B . -8.11 -7.02 -16.07
H67 UAO B . -5.78 -3.60 -16.44
H3 UAO B . -1.01 -4.71 -10.41
H2 UAO B . -1.31 -2.26 -10.58
H1 UAO B . -3.15 -1.33 -11.93
N MET A 1 9.29 6.62 -20.77
CA MET A 1 8.76 6.57 -19.40
C MET A 1 8.37 5.15 -19.01
N THR A 2 9.01 4.64 -17.96
CA THR A 2 8.74 3.30 -17.47
C THR A 2 7.47 3.29 -16.62
N GLU A 3 6.61 2.32 -16.87
CA GLU A 3 5.37 2.17 -16.13
C GLU A 3 5.55 1.17 -14.99
N TYR A 4 4.95 1.46 -13.85
CA TYR A 4 5.04 0.58 -12.70
C TYR A 4 3.65 0.17 -12.21
N LYS A 5 3.38 -1.13 -12.20
CA LYS A 5 2.09 -1.64 -11.74
C LYS A 5 2.08 -1.73 -10.21
N LEU A 6 1.37 -0.81 -9.57
CA LEU A 6 1.31 -0.78 -8.12
C LEU A 6 -0.09 -1.12 -7.61
N VAL A 7 -0.20 -2.24 -6.93
CA VAL A 7 -1.47 -2.67 -6.37
C VAL A 7 -1.67 -2.10 -4.98
N VAL A 8 -2.79 -1.42 -4.78
CA VAL A 8 -3.09 -0.83 -3.50
C VAL A 8 -4.27 -1.54 -2.85
N VAL A 9 -3.98 -2.31 -1.81
CA VAL A 9 -5.01 -3.04 -1.10
C VAL A 9 -5.18 -2.44 0.30
N GLY A 10 -6.27 -2.79 0.96
CA GLY A 10 -6.53 -2.28 2.29
C GLY A 10 -7.87 -2.75 2.81
N ALA A 11 -7.97 -2.84 4.12
CA ALA A 11 -9.20 -3.29 4.77
C ALA A 11 -10.21 -2.15 4.85
N VAL A 12 -11.24 -2.33 5.67
CA VAL A 12 -12.29 -1.33 5.84
C VAL A 12 -11.91 -0.31 6.89
N GLY A 13 -11.90 0.95 6.51
CA GLY A 13 -11.58 2.02 7.44
C GLY A 13 -10.13 2.47 7.36
N VAL A 14 -9.46 2.05 6.30
CA VAL A 14 -8.06 2.42 6.11
C VAL A 14 -7.95 3.80 5.45
N GLY A 15 -8.60 3.95 4.30
CA GLY A 15 -8.59 5.21 3.60
C GLY A 15 -7.37 5.37 2.71
N LYS A 16 -7.22 4.45 1.76
CA LYS A 16 -6.08 4.50 0.84
C LYS A 16 -6.31 5.55 -0.23
N SER A 17 -7.56 5.70 -0.63
CA SER A 17 -7.95 6.67 -1.65
C SER A 17 -7.70 8.10 -1.16
N ALA A 18 -7.60 8.24 0.16
CA ALA A 18 -7.36 9.55 0.76
C ALA A 18 -5.90 9.95 0.57
N LEU A 19 -5.07 8.99 0.17
CA LEU A 19 -3.66 9.24 -0.06
C LEU A 19 -3.41 9.40 -1.56
N THR A 20 -4.00 8.50 -2.35
CA THR A 20 -3.83 8.51 -3.79
C THR A 20 -4.42 9.76 -4.44
N ILE A 21 -5.71 10.01 -4.20
CA ILE A 21 -6.38 11.17 -4.80
C ILE A 21 -5.70 12.46 -4.35
N GLN A 22 -5.14 12.43 -3.15
CA GLN A 22 -4.45 13.58 -2.58
C GLN A 22 -3.15 13.87 -3.32
N LEU A 23 -2.58 12.84 -3.94
CA LEU A 23 -1.34 13.00 -4.68
C LEU A 23 -1.62 13.19 -6.17
N ILE A 24 -2.72 12.59 -6.63
CA ILE A 24 -3.10 12.70 -8.04
C ILE A 24 -3.60 14.11 -8.39
N GLN A 25 -4.78 14.46 -7.89
CA GLN A 25 -5.38 15.77 -8.16
C GLN A 25 -5.38 16.65 -6.91
N ASN A 26 -4.70 16.17 -5.88
CA ASN A 26 -4.60 16.87 -4.60
C ASN A 26 -5.98 17.12 -3.99
N HIS A 27 -6.79 16.08 -3.99
CA HIS A 27 -8.13 16.17 -3.42
C HIS A 27 -8.26 15.23 -2.23
N PHE A 28 -8.51 15.81 -1.07
CA PHE A 28 -8.67 15.03 0.14
C PHE A 28 -10.14 14.94 0.51
N VAL A 29 -10.71 13.77 0.30
CA VAL A 29 -12.11 13.53 0.61
C VAL A 29 -12.27 12.82 1.96
N ASP A 30 -13.13 13.35 2.81
CA ASP A 30 -13.38 12.78 4.13
C ASP A 30 -14.39 11.65 4.03
N GLU A 31 -15.28 11.74 3.05
CA GLU A 31 -16.30 10.74 2.82
C GLU A 31 -15.65 9.42 2.41
N TYR A 32 -15.83 8.39 3.23
CA TYR A 32 -15.27 7.08 2.96
C TYR A 32 -16.11 6.31 1.94
N ASP A 33 -15.66 6.31 0.69
CA ASP A 33 -16.37 5.61 -0.37
C ASP A 33 -15.70 4.27 -0.64
N PRO A 34 -16.48 3.17 -0.60
CA PRO A 34 -15.97 1.82 -0.84
C PRO A 34 -15.45 1.65 -2.27
N THR A 35 -14.14 1.58 -2.41
CA THR A 35 -13.52 1.41 -3.71
C THR A 35 -13.50 -0.06 -4.12
N ILE A 36 -14.00 -0.34 -5.30
CA ILE A 36 -14.04 -1.70 -5.83
C ILE A 36 -12.78 -1.93 -6.68
N GLU A 37 -12.54 -1.01 -7.60
CA GLU A 37 -11.40 -1.09 -8.50
C GLU A 37 -11.23 0.23 -9.24
N ASP A 38 -10.27 1.03 -8.80
CA ASP A 38 -10.01 2.33 -9.43
C ASP A 38 -8.58 2.39 -9.92
N SER A 39 -8.40 2.90 -11.14
CA SER A 39 -7.07 3.02 -11.73
C SER A 39 -6.60 4.49 -11.72
N TYR A 40 -5.47 4.74 -11.08
CA TYR A 40 -4.90 6.07 -11.00
C TYR A 40 -3.54 6.10 -11.68
N ARG A 41 -3.46 6.76 -12.82
CA ARG A 41 -2.22 6.85 -13.56
C ARG A 41 -1.73 8.29 -13.65
N LYS A 42 -0.48 8.51 -13.26
CA LYS A 42 0.10 9.83 -13.30
C LYS A 42 1.61 9.75 -13.49
N GLN A 43 2.16 10.73 -14.21
CA GLN A 43 3.59 10.77 -14.46
C GLN A 43 4.30 11.46 -13.30
N VAL A 44 4.79 10.65 -12.36
CA VAL A 44 5.46 11.18 -11.19
C VAL A 44 6.97 11.05 -11.31
N VAL A 45 7.69 12.09 -10.89
CA VAL A 45 9.15 12.08 -10.94
C VAL A 45 9.68 11.35 -9.72
N ILE A 46 10.10 10.12 -9.92
CA ILE A 46 10.61 9.30 -8.83
C ILE A 46 12.12 9.17 -8.91
N ASP A 47 12.81 9.63 -7.87
CA ASP A 47 14.27 9.57 -7.79
C ASP A 47 14.95 10.30 -8.96
N GLY A 48 14.26 11.29 -9.52
CA GLY A 48 14.80 12.05 -10.62
C GLY A 48 14.37 11.54 -11.98
N GLU A 49 13.58 10.48 -11.98
CA GLU A 49 13.10 9.90 -13.24
C GLU A 49 11.57 9.83 -13.28
N THR A 50 10.99 10.43 -14.30
CA THR A 50 9.54 10.43 -14.46
C THR A 50 9.06 9.02 -14.82
N CYS A 51 8.28 8.43 -13.93
CA CYS A 51 7.76 7.10 -14.13
C CYS A 51 6.23 7.12 -14.10
N LEU A 52 5.62 6.24 -14.89
CA LEU A 52 4.16 6.18 -14.93
C LEU A 52 3.67 5.25 -13.82
N LEU A 53 3.07 5.85 -12.80
CA LEU A 53 2.57 5.08 -11.67
C LEU A 53 1.18 4.55 -11.97
N ASP A 54 1.08 3.24 -12.14
CA ASP A 54 -0.20 2.58 -12.41
C ASP A 54 -0.77 2.14 -11.07
N ILE A 55 -1.46 3.06 -10.41
CA ILE A 55 -2.05 2.79 -9.11
C ILE A 55 -3.38 2.06 -9.23
N LEU A 56 -3.45 0.88 -8.63
CA LEU A 56 -4.66 0.09 -8.67
C LEU A 56 -5.31 0.01 -7.29
N ASP A 57 -6.31 0.85 -7.07
CA ASP A 57 -7.04 0.88 -5.81
C ASP A 57 -8.06 -0.24 -5.82
N THR A 58 -7.84 -1.27 -5.02
CA THR A 58 -8.75 -2.41 -4.98
C THR A 58 -9.40 -2.60 -3.62
N ALA A 59 -10.39 -3.49 -3.58
CA ALA A 59 -11.11 -3.78 -2.36
C ALA A 59 -10.44 -4.90 -1.57
N GLY A 60 -10.25 -4.67 -0.28
CA GLY A 60 -9.62 -5.66 0.57
C GLY A 60 -10.64 -6.64 1.15
N GLN A 61 -11.91 -6.38 0.86
CA GLN A 61 -12.99 -7.23 1.35
C GLN A 61 -12.88 -8.64 0.79
N GLU A 62 -13.48 -9.59 1.48
CA GLU A 62 -13.46 -10.98 1.05
C GLU A 62 -14.56 -11.27 0.04
N GLU A 63 -15.13 -10.22 -0.51
CA GLU A 63 -16.17 -10.35 -1.52
C GLU A 63 -15.54 -10.39 -2.91
N TYR A 64 -14.23 -10.18 -2.94
CA TYR A 64 -13.48 -10.18 -4.19
C TYR A 64 -12.22 -11.03 -4.03
N SER A 65 -12.34 -12.08 -3.23
CA SER A 65 -11.22 -12.97 -2.97
C SER A 65 -10.80 -13.72 -4.23
N ALA A 66 -11.77 -14.12 -5.03
CA ALA A 66 -11.50 -14.85 -6.26
C ALA A 66 -10.83 -13.94 -7.28
N MET A 67 -11.17 -12.66 -7.23
CA MET A 67 -10.60 -11.68 -8.13
C MET A 67 -9.23 -11.21 -7.64
N ARG A 68 -8.99 -11.40 -6.35
CA ARG A 68 -7.74 -10.99 -5.72
C ARG A 68 -6.53 -11.63 -6.40
N ASP A 69 -6.63 -12.94 -6.66
CA ASP A 69 -5.56 -13.68 -7.31
C ASP A 69 -5.22 -13.11 -8.67
N GLN A 70 -6.25 -12.67 -9.39
CA GLN A 70 -6.07 -12.13 -10.74
C GLN A 70 -5.13 -10.94 -10.76
N TYR A 71 -5.46 -9.88 -10.02
CA TYR A 71 -4.63 -8.68 -10.01
C TYR A 71 -3.32 -8.87 -9.27
N MET A 72 -3.24 -9.90 -8.43
CA MET A 72 -2.02 -10.19 -7.70
C MET A 72 -0.96 -10.77 -8.63
N ARG A 73 -1.42 -11.35 -9.73
CA ARG A 73 -0.51 -11.94 -10.72
C ARG A 73 -0.04 -10.88 -11.71
N THR A 74 -0.82 -9.82 -11.88
CA THR A 74 -0.48 -8.75 -12.81
C THR A 74 0.30 -7.63 -12.12
N GLY A 75 -0.06 -7.34 -10.87
CA GLY A 75 0.61 -6.29 -10.13
C GLY A 75 2.05 -6.63 -9.80
N GLU A 76 2.93 -5.64 -9.87
CA GLU A 76 4.33 -5.83 -9.58
C GLU A 76 4.63 -5.42 -8.15
N GLY A 77 4.25 -4.18 -7.82
CA GLY A 77 4.45 -3.67 -6.49
C GLY A 77 3.20 -3.80 -5.66
N PHE A 78 3.37 -4.03 -4.36
CA PHE A 78 2.24 -4.19 -3.46
C PHE A 78 2.33 -3.22 -2.29
N LEU A 79 1.31 -2.40 -2.14
CA LEU A 79 1.26 -1.43 -1.06
C LEU A 79 0.42 -1.99 0.08
N CYS A 80 1.10 -2.33 1.16
CA CYS A 80 0.43 -2.87 2.34
C CYS A 80 0.00 -1.73 3.25
N VAL A 81 -1.11 -1.10 2.90
CA VAL A 81 -1.63 0.02 3.68
C VAL A 81 -2.71 -0.46 4.64
N PHE A 82 -2.58 -0.09 5.90
CA PHE A 82 -3.55 -0.46 6.92
C PHE A 82 -3.72 0.66 7.93
N ALA A 83 -4.75 0.56 8.77
CA ALA A 83 -5.00 1.58 9.78
C ALA A 83 -4.49 1.12 11.13
N ILE A 84 -3.72 1.98 11.80
CA ILE A 84 -3.15 1.64 13.10
C ILE A 84 -4.18 1.78 14.22
N ASN A 85 -5.37 2.26 13.88
CA ASN A 85 -6.44 2.43 14.85
C ASN A 85 -7.17 1.12 15.09
N ASN A 86 -7.00 0.18 14.16
CA ASN A 86 -7.66 -1.11 14.28
C ASN A 86 -6.63 -2.23 14.25
N THR A 87 -6.54 -2.98 15.34
CA THR A 87 -5.59 -4.08 15.45
C THR A 87 -5.94 -5.22 14.49
N LYS A 88 -7.22 -5.33 14.14
CA LYS A 88 -7.68 -6.38 13.23
C LYS A 88 -6.90 -6.33 11.91
N SER A 89 -6.80 -5.13 11.32
CA SER A 89 -6.09 -4.94 10.08
C SER A 89 -4.60 -5.29 10.22
N PHE A 90 -4.06 -5.04 11.40
CA PHE A 90 -2.65 -5.33 11.68
C PHE A 90 -2.40 -6.83 11.72
N GLU A 91 -3.36 -7.56 12.24
CA GLU A 91 -3.25 -9.01 12.34
C GLU A 91 -3.71 -9.67 11.05
N ASP A 92 -4.30 -8.89 10.16
CA ASP A 92 -4.78 -9.41 8.88
C ASP A 92 -3.70 -9.26 7.80
N ILE A 93 -2.58 -8.65 8.17
CA ILE A 93 -1.48 -8.45 7.24
C ILE A 93 -0.90 -9.79 6.78
N HIS A 94 -0.81 -10.74 7.71
CA HIS A 94 -0.26 -12.06 7.41
C HIS A 94 -1.13 -12.79 6.37
N HIS A 95 -2.44 -12.55 6.44
CA HIS A 95 -3.39 -13.17 5.52
C HIS A 95 -3.03 -12.80 4.09
N TYR A 96 -2.72 -11.53 3.88
CA TYR A 96 -2.34 -11.03 2.56
C TYR A 96 -0.96 -11.55 2.19
N ARG A 97 -0.05 -11.55 3.17
CA ARG A 97 1.32 -12.03 2.97
C ARG A 97 1.34 -13.44 2.40
N GLU A 98 0.51 -14.30 2.97
CA GLU A 98 0.42 -15.68 2.54
C GLU A 98 -0.07 -15.78 1.09
N GLN A 99 -1.13 -15.05 0.77
CA GLN A 99 -1.69 -15.09 -0.58
C GLN A 99 -0.75 -14.46 -1.60
N ILE A 100 -0.17 -13.30 -1.25
CA ILE A 100 0.74 -12.61 -2.15
C ILE A 100 1.92 -13.52 -2.52
N LYS A 101 2.52 -14.14 -1.51
CA LYS A 101 3.65 -15.04 -1.74
C LYS A 101 3.21 -16.26 -2.55
N ARG A 102 2.00 -16.72 -2.28
CA ARG A 102 1.42 -17.88 -2.97
C ARG A 102 1.19 -17.59 -4.45
N VAL A 103 0.66 -16.42 -4.75
CA VAL A 103 0.38 -16.05 -6.13
C VAL A 103 1.64 -15.63 -6.87
N LYS A 104 2.64 -15.15 -6.12
CA LYS A 104 3.88 -14.71 -6.73
C LYS A 104 4.85 -15.86 -6.99
N ASP A 105 4.71 -16.96 -6.24
CA ASP A 105 5.58 -18.13 -6.39
C ASP A 105 7.03 -17.76 -6.13
N SER A 106 7.25 -16.75 -5.29
CA SER A 106 8.60 -16.30 -4.98
C SER A 106 8.79 -16.13 -3.48
N GLU A 107 10.00 -16.44 -3.02
CA GLU A 107 10.33 -16.32 -1.61
C GLU A 107 10.70 -14.88 -1.29
N ASP A 108 11.46 -14.27 -2.18
CA ASP A 108 11.88 -12.89 -2.01
C ASP A 108 10.94 -11.98 -2.79
N VAL A 109 10.35 -11.01 -2.11
CA VAL A 109 9.43 -10.08 -2.74
C VAL A 109 9.46 -8.71 -2.06
N PRO A 110 9.81 -7.66 -2.82
CA PRO A 110 9.87 -6.30 -2.30
C PRO A 110 8.48 -5.69 -2.12
N MET A 111 8.21 -5.18 -0.93
CA MET A 111 6.93 -4.57 -0.60
C MET A 111 7.14 -3.49 0.45
N VAL A 112 6.08 -2.77 0.79
CA VAL A 112 6.17 -1.71 1.79
C VAL A 112 4.96 -1.73 2.72
N LEU A 113 5.22 -1.66 4.01
CA LEU A 113 4.16 -1.65 5.01
C LEU A 113 3.94 -0.22 5.49
N VAL A 114 2.75 0.31 5.22
CA VAL A 114 2.43 1.68 5.62
C VAL A 114 1.20 1.74 6.52
N GLY A 115 1.36 2.37 7.68
CA GLY A 115 0.26 2.50 8.61
C GLY A 115 -0.34 3.88 8.57
N ASN A 116 -1.56 3.98 8.05
CA ASN A 116 -2.25 5.26 7.93
C ASN A 116 -2.95 5.62 9.24
N LYS A 117 -3.38 6.88 9.35
CA LYS A 117 -4.07 7.40 10.54
C LYS A 117 -3.12 7.55 11.73
N SER A 118 -1.86 7.85 11.44
CA SER A 118 -0.85 8.03 12.47
C SER A 118 -1.05 9.36 13.22
N ASP A 119 -1.91 10.21 12.69
CA ASP A 119 -2.19 11.52 13.29
C ASP A 119 -3.34 11.44 14.29
N LEU A 120 -4.00 10.31 14.34
CA LEU A 120 -5.13 10.12 15.25
C LEU A 120 -4.63 9.94 16.68
N PRO A 121 -5.41 10.43 17.67
CA PRO A 121 -5.05 10.31 19.09
C PRO A 121 -5.06 8.84 19.54
N SER A 122 -5.89 8.04 18.89
CA SER A 122 -6.00 6.64 19.20
C SER A 122 -5.07 5.82 18.30
N ARG A 123 -4.31 4.92 18.91
CA ARG A 123 -3.39 4.09 18.16
C ARG A 123 -3.22 2.73 18.84
N THR A 124 -3.72 1.69 18.20
CA THR A 124 -3.61 0.34 18.74
C THR A 124 -2.29 -0.30 18.31
N VAL A 125 -1.93 -0.10 17.05
CA VAL A 125 -0.70 -0.66 16.52
C VAL A 125 0.50 0.17 16.95
N ASP A 126 1.30 -0.39 17.85
CA ASP A 126 2.49 0.30 18.35
C ASP A 126 3.57 0.37 17.26
N THR A 127 4.33 1.46 17.26
CA THR A 127 5.39 1.67 16.29
C THR A 127 6.43 0.56 16.32
N LYS A 128 6.87 0.20 17.53
CA LYS A 128 7.89 -0.83 17.70
C LYS A 128 7.39 -2.19 17.21
N GLN A 129 6.14 -2.50 17.53
CA GLN A 129 5.53 -3.77 17.12
C GLN A 129 5.39 -3.84 15.60
N ALA A 130 5.01 -2.72 15.00
CA ALA A 130 4.85 -2.64 13.55
C ALA A 130 6.18 -2.86 12.85
N GLN A 131 7.23 -2.24 13.38
CA GLN A 131 8.56 -2.38 12.82
C GLN A 131 9.03 -3.83 12.91
N ASP A 132 8.76 -4.45 14.04
CA ASP A 132 9.16 -5.83 14.29
C ASP A 132 8.51 -6.78 13.27
N LEU A 133 7.19 -6.68 13.14
CA LEU A 133 6.45 -7.52 12.21
C LEU A 133 6.90 -7.27 10.77
N ALA A 134 7.17 -6.02 10.45
CA ALA A 134 7.62 -5.66 9.12
C ALA A 134 8.95 -6.31 8.80
N ARG A 135 9.86 -6.29 9.77
CA ARG A 135 11.18 -6.88 9.61
C ARG A 135 11.08 -8.40 9.43
N SER A 136 10.05 -8.98 10.02
CA SER A 136 9.81 -10.41 9.91
C SER A 136 9.39 -10.79 8.49
N TYR A 137 8.71 -9.86 7.81
CA TYR A 137 8.27 -10.09 6.45
C TYR A 137 9.35 -9.69 5.45
N GLY A 138 10.32 -8.92 5.93
CA GLY A 138 11.39 -8.48 5.07
C GLY A 138 11.03 -7.23 4.29
N ILE A 139 10.19 -6.39 4.88
CA ILE A 139 9.76 -5.17 4.24
C ILE A 139 9.81 -3.99 5.23
N PRO A 140 10.08 -2.78 4.74
CA PRO A 140 10.16 -1.59 5.59
C PRO A 140 8.77 -1.07 5.96
N PHE A 141 8.68 -0.43 7.13
CA PHE A 141 7.42 0.13 7.61
C PHE A 141 7.51 1.66 7.66
N ILE A 142 6.46 2.33 7.23
CA ILE A 142 6.42 3.79 7.23
C ILE A 142 5.09 4.28 7.83
N GLU A 143 5.15 5.35 8.62
CA GLU A 143 3.95 5.92 9.21
C GLU A 143 3.31 6.89 8.22
N THR A 144 2.05 6.68 7.92
CA THR A 144 1.34 7.51 6.96
C THR A 144 0.17 8.29 7.59
N SER A 145 -0.20 9.38 6.94
CA SER A 145 -1.31 10.21 7.39
C SER A 145 -1.88 10.98 6.21
N ALA A 146 -3.16 10.80 5.96
CA ALA A 146 -3.83 11.48 4.86
C ALA A 146 -4.24 12.89 5.27
N LYS A 147 -4.35 13.09 6.57
CA LYS A 147 -4.74 14.39 7.10
C LYS A 147 -3.64 15.42 6.93
N THR A 148 -2.44 15.10 7.39
CA THR A 148 -1.32 16.04 7.29
C THR A 148 -0.34 15.66 6.18
N ARG A 149 -0.75 14.71 5.33
CA ARG A 149 0.08 14.24 4.20
C ARG A 149 1.48 13.87 4.69
N GLN A 150 1.55 12.91 5.60
CA GLN A 150 2.81 12.48 6.16
C GLN A 150 3.18 11.07 5.70
N GLY A 151 4.41 10.92 5.24
CA GLY A 151 4.90 9.64 4.78
C GLY A 151 4.15 9.07 3.59
N VAL A 152 3.43 9.93 2.88
CA VAL A 152 2.66 9.50 1.73
C VAL A 152 3.52 9.51 0.47
N ASP A 153 4.23 10.61 0.29
CA ASP A 153 5.10 10.80 -0.88
C ASP A 153 6.23 9.78 -0.92
N ASP A 154 7.01 9.70 0.16
CA ASP A 154 8.13 8.76 0.22
C ASP A 154 7.68 7.30 0.12
N ALA A 155 6.44 7.02 0.51
CA ALA A 155 5.90 5.66 0.45
C ALA A 155 5.94 5.12 -0.97
N PHE A 156 5.53 5.94 -1.92
CA PHE A 156 5.52 5.54 -3.32
C PHE A 156 6.94 5.40 -3.86
N TYR A 157 7.79 6.34 -3.47
CA TYR A 157 9.18 6.36 -3.91
C TYR A 157 9.94 5.16 -3.38
N THR A 158 9.77 4.85 -2.10
CA THR A 158 10.45 3.73 -1.47
C THR A 158 10.20 2.41 -2.19
N LEU A 159 8.94 2.15 -2.52
CA LEU A 159 8.59 0.91 -3.21
C LEU A 159 9.28 0.82 -4.57
N VAL A 160 9.24 1.91 -5.33
CA VAL A 160 9.86 1.94 -6.65
C VAL A 160 11.36 1.70 -6.55
N ARG A 161 11.99 2.32 -5.54
CA ARG A 161 13.43 2.17 -5.33
C ARG A 161 13.79 0.71 -5.06
N GLU A 162 13.08 0.09 -4.13
CA GLU A 162 13.32 -1.29 -3.76
C GLU A 162 13.03 -2.26 -4.92
N ILE A 163 11.95 -2.00 -5.65
CA ILE A 163 11.59 -2.84 -6.79
C ILE A 163 12.68 -2.77 -7.85
N ARG A 164 13.18 -1.56 -8.09
CA ARG A 164 14.23 -1.33 -9.08
C ARG A 164 15.50 -2.10 -8.69
N LYS A 165 15.81 -2.10 -7.40
CA LYS A 165 17.00 -2.80 -6.90
C LYS A 165 16.82 -4.30 -7.06
N HIS A 166 15.60 -4.77 -6.87
CA HIS A 166 15.29 -6.18 -6.98
C HIS A 166 15.31 -6.64 -8.44
N LYS A 167 15.26 -5.68 -9.36
CA LYS A 167 15.27 -5.98 -10.79
C LYS A 167 16.64 -5.71 -11.40
N GLU A 168 17.05 -4.45 -11.38
CA GLU A 168 18.32 -4.04 -11.94
C GLU A 168 19.37 -3.89 -10.85
C4 UAO B . -1.87 -4.37 -11.04
C5 UAO B . -3.75 -5.40 -12.30
C6 UAO B . -5.78 -5.64 -13.80
C7 UAO B . -5.30 -7.04 -14.18
N12 UAO B . -4.52 -3.55 -13.18
C13 UAO B . -3.47 -3.23 -12.44
O UAO B . -6.77 -5.85 -17.13
C11 UAO B . -6.46 -6.01 -15.94
C9 UAO B . -6.36 -7.38 -15.25
N UAO B . -6.14 -5.04 -15.09
C12 UAO B . -4.68 -4.86 -13.09
C14 UAO B . -2.98 -4.41 -11.88
C3 UAO B . -1.26 -3.16 -10.75
C2 UAO B . -1.74 -1.98 -11.31
C1 UAO B . -2.85 -2.01 -12.14
H4 UAO B . -1.47 -5.29 -10.62
H5 UAO B . -3.63 -6.46 -12.11
H6 UAO B . -6.70 -5.67 -13.19
H8 UAO B . -4.30 -7.04 -14.63
H7 UAO B . -5.28 -7.73 -13.33
H12 UAO B . -5.08 -2.91 -13.71
H10 UAO B . -7.33 -7.63 -14.83
H9 UAO B . -6.01 -8.16 -15.94
H67 UAO B . -6.43 -4.08 -15.24
H3 UAO B . -0.39 -3.14 -10.10
H2 UAO B . -1.25 -1.04 -11.08
H1 UAO B . -3.22 -1.09 -12.59
N MET A 1 9.52 6.33 -21.05
CA MET A 1 9.05 6.36 -19.68
C MET A 1 8.72 4.95 -19.19
N THR A 2 9.27 4.59 -18.04
CA THR A 2 9.05 3.28 -17.48
C THR A 2 7.72 3.22 -16.74
N GLU A 3 6.97 2.14 -16.94
CA GLU A 3 5.68 1.97 -16.28
C GLU A 3 5.83 0.99 -15.12
N TYR A 4 5.16 1.28 -14.02
CA TYR A 4 5.23 0.42 -12.84
C TYR A 4 3.82 0.03 -12.39
N LYS A 5 3.59 -1.25 -12.24
CA LYS A 5 2.29 -1.75 -11.81
C LYS A 5 2.19 -1.73 -10.28
N LEU A 6 1.30 -0.88 -9.76
CA LEU A 6 1.12 -0.75 -8.32
C LEU A 6 -0.28 -1.20 -7.89
N VAL A 7 -0.34 -2.14 -6.98
CA VAL A 7 -1.61 -2.65 -6.48
C VAL A 7 -1.82 -2.23 -5.03
N VAL A 8 -2.98 -1.67 -4.73
CA VAL A 8 -3.31 -1.24 -3.38
C VAL A 8 -4.34 -2.17 -2.76
N VAL A 9 -4.02 -2.72 -1.60
CA VAL A 9 -4.91 -3.63 -0.89
C VAL A 9 -4.93 -3.30 0.60
N GLY A 10 -5.83 -3.93 1.33
CA GLY A 10 -5.94 -3.69 2.75
C GLY A 10 -7.29 -4.08 3.28
N ALA A 11 -7.64 -3.58 4.46
CA ALA A 11 -8.92 -3.87 5.07
C ALA A 11 -9.92 -2.74 4.83
N VAL A 12 -11.12 -2.90 5.34
CA VAL A 12 -12.18 -1.91 5.18
C VAL A 12 -12.07 -0.82 6.25
N GLY A 13 -11.89 0.42 5.82
CA GLY A 13 -11.79 1.52 6.75
C GLY A 13 -10.37 2.03 6.90
N VAL A 14 -9.48 1.55 6.04
CA VAL A 14 -8.10 1.96 6.10
C VAL A 14 -7.86 3.29 5.37
N GLY A 15 -8.41 3.39 4.16
CA GLY A 15 -8.24 4.59 3.37
C GLY A 15 -7.18 4.43 2.31
N LYS A 16 -7.34 3.42 1.46
CA LYS A 16 -6.37 3.14 0.40
C LYS A 16 -6.38 4.24 -0.65
N SER A 17 -7.57 4.59 -1.12
CA SER A 17 -7.71 5.60 -2.15
C SER A 17 -7.36 6.99 -1.63
N ALA A 18 -7.55 7.20 -0.32
CA ALA A 18 -7.28 8.48 0.32
C ALA A 18 -5.92 9.07 -0.05
N LEU A 19 -4.86 8.30 0.16
CA LEU A 19 -3.51 8.76 -0.16
C LEU A 19 -3.31 8.95 -1.65
N THR A 20 -3.75 7.97 -2.42
CA THR A 20 -3.60 7.99 -3.88
C THR A 20 -4.28 9.21 -4.52
N ILE A 21 -5.51 9.50 -4.11
CA ILE A 21 -6.25 10.64 -4.66
C ILE A 21 -5.50 11.95 -4.41
N GLN A 22 -4.83 12.03 -3.27
CA GLN A 22 -4.08 13.23 -2.90
C GLN A 22 -2.79 13.36 -3.70
N LEU A 23 -2.35 12.26 -4.28
CA LEU A 23 -1.12 12.26 -5.06
C LEU A 23 -1.41 12.47 -6.55
N ILE A 24 -2.48 11.86 -7.03
CA ILE A 24 -2.86 11.97 -8.43
C ILE A 24 -3.38 13.37 -8.76
N GLN A 25 -4.59 13.68 -8.29
CA GLN A 25 -5.19 14.97 -8.57
C GLN A 25 -5.05 15.92 -7.38
N ASN A 26 -4.42 15.43 -6.32
CA ASN A 26 -4.20 16.24 -5.11
C ASN A 26 -5.53 16.67 -4.50
N HIS A 27 -6.28 15.70 -4.00
CA HIS A 27 -7.58 15.98 -3.38
C HIS A 27 -7.77 15.15 -2.13
N PHE A 28 -8.25 15.78 -1.08
CA PHE A 28 -8.48 15.09 0.19
C PHE A 28 -9.95 14.70 0.32
N VAL A 29 -10.17 13.47 0.75
CA VAL A 29 -11.52 12.95 0.94
C VAL A 29 -11.77 12.59 2.40
N ASP A 30 -12.92 13.01 2.93
CA ASP A 30 -13.28 12.71 4.31
C ASP A 30 -14.26 11.55 4.38
N GLU A 31 -15.22 11.55 3.47
CA GLU A 31 -16.23 10.51 3.42
C GLU A 31 -15.66 9.21 2.86
N TYR A 32 -15.94 8.11 3.54
CA TYR A 32 -15.44 6.81 3.10
C TYR A 32 -16.42 6.13 2.15
N ASP A 33 -16.03 6.02 0.90
CA ASP A 33 -16.84 5.37 -0.13
C ASP A 33 -16.28 3.99 -0.41
N PRO A 34 -17.14 2.97 -0.47
CA PRO A 34 -16.72 1.59 -0.76
C PRO A 34 -16.06 1.46 -2.12
N THR A 35 -14.73 1.47 -2.13
CA THR A 35 -13.97 1.35 -3.36
C THR A 35 -14.06 -0.07 -3.91
N ILE A 36 -14.54 -0.19 -5.14
CA ILE A 36 -14.68 -1.48 -5.78
C ILE A 36 -13.46 -1.79 -6.65
N GLU A 37 -13.21 -0.92 -7.62
CA GLU A 37 -12.09 -1.10 -8.54
C GLU A 37 -11.87 0.19 -9.32
N ASP A 38 -10.67 0.75 -9.19
CA ASP A 38 -10.34 1.98 -9.90
C ASP A 38 -8.85 2.02 -10.22
N SER A 39 -8.51 2.67 -11.33
CA SER A 39 -7.12 2.77 -11.75
C SER A 39 -6.72 4.24 -11.94
N TYR A 40 -5.59 4.60 -11.38
CA TYR A 40 -5.08 5.97 -11.48
C TYR A 40 -3.67 5.95 -12.06
N ARG A 41 -3.40 6.89 -12.96
CA ARG A 41 -2.08 6.97 -13.58
C ARG A 41 -1.60 8.42 -13.65
N LYS A 42 -0.31 8.60 -13.40
CA LYS A 42 0.31 9.93 -13.43
C LYS A 42 1.81 9.80 -13.64
N GLN A 43 2.38 10.72 -14.41
CA GLN A 43 3.81 10.73 -14.68
C GLN A 43 4.55 11.31 -13.48
N VAL A 44 5.07 10.44 -12.62
CA VAL A 44 5.76 10.89 -11.43
C VAL A 44 7.27 10.71 -11.60
N VAL A 45 8.01 11.77 -11.34
CA VAL A 45 9.46 11.73 -11.43
C VAL A 45 10.03 11.21 -10.13
N ILE A 46 10.48 9.97 -10.15
CA ILE A 46 11.04 9.32 -8.98
C ILE A 46 12.54 9.14 -9.14
N ASP A 47 13.29 9.78 -8.25
CA ASP A 47 14.75 9.69 -8.24
C ASP A 47 15.34 10.26 -9.54
N GLY A 48 14.68 11.26 -10.09
CA GLY A 48 15.14 11.90 -11.31
C GLY A 48 14.77 11.11 -12.56
N GLU A 49 13.78 10.25 -12.45
CA GLU A 49 13.32 9.46 -13.58
C GLU A 49 11.81 9.45 -13.67
N THR A 50 11.28 9.94 -14.77
CA THR A 50 9.84 9.98 -15.00
C THR A 50 9.28 8.57 -15.14
N CYS A 51 8.46 8.16 -14.18
CA CYS A 51 7.86 6.85 -14.19
C CYS A 51 6.34 6.94 -14.24
N LEU A 52 5.72 6.06 -15.00
CA LEU A 52 4.28 6.02 -15.12
C LEU A 52 3.72 5.05 -14.08
N LEU A 53 3.17 5.60 -13.02
CA LEU A 53 2.62 4.79 -11.94
C LEU A 53 1.21 4.29 -12.28
N ASP A 54 1.13 3.01 -12.59
CA ASP A 54 -0.15 2.37 -12.91
C ASP A 54 -0.72 1.83 -11.61
N ILE A 55 -1.40 2.69 -10.88
CA ILE A 55 -1.97 2.34 -9.59
C ILE A 55 -3.39 1.82 -9.70
N LEU A 56 -3.62 0.64 -9.15
CA LEU A 56 -4.93 0.02 -9.15
C LEU A 56 -5.41 -0.25 -7.73
N ASP A 57 -6.58 0.26 -7.40
CA ASP A 57 -7.15 0.07 -6.08
C ASP A 57 -8.33 -0.88 -6.17
N THR A 58 -8.50 -1.72 -5.17
CA THR A 58 -9.58 -2.70 -5.17
C THR A 58 -10.38 -2.65 -3.86
N ALA A 59 -11.29 -3.59 -3.71
CA ALA A 59 -12.13 -3.65 -2.53
C ALA A 59 -11.42 -4.40 -1.40
N GLY A 60 -11.52 -3.87 -0.19
CA GLY A 60 -10.89 -4.50 0.95
C GLY A 60 -11.82 -5.51 1.60
N GLN A 61 -13.06 -5.54 1.14
CA GLN A 61 -14.07 -6.45 1.65
C GLN A 61 -13.77 -7.88 1.20
N GLU A 62 -14.33 -8.85 1.92
CA GLU A 62 -14.11 -10.26 1.62
C GLU A 62 -14.92 -10.72 0.41
N GLU A 63 -15.64 -9.79 -0.21
CA GLU A 63 -16.44 -10.09 -1.38
C GLU A 63 -15.61 -10.16 -2.65
N TYR A 64 -14.29 -10.00 -2.52
CA TYR A 64 -13.40 -10.04 -3.66
C TYR A 64 -12.10 -10.77 -3.32
N SER A 65 -12.19 -11.71 -2.38
CA SER A 65 -11.04 -12.47 -1.95
C SER A 65 -10.47 -13.36 -3.06
N ALA A 66 -11.35 -13.90 -3.89
CA ALA A 66 -10.92 -14.78 -4.98
C ALA A 66 -10.39 -13.98 -6.16
N MET A 67 -10.70 -12.69 -6.19
CA MET A 67 -10.26 -11.82 -7.28
C MET A 67 -8.84 -11.34 -7.06
N ARG A 68 -8.41 -11.34 -5.80
CA ARG A 68 -7.07 -10.89 -5.44
C ARG A 68 -5.98 -11.63 -6.20
N ASP A 69 -6.10 -12.94 -6.25
CA ASP A 69 -5.11 -13.79 -6.92
C ASP A 69 -4.88 -13.41 -8.38
N GLN A 70 -5.87 -12.79 -9.00
CA GLN A 70 -5.76 -12.39 -10.39
C GLN A 70 -4.90 -11.14 -10.55
N TYR A 71 -5.33 -10.02 -9.96
CA TYR A 71 -4.58 -8.78 -10.09
C TYR A 71 -3.23 -8.81 -9.38
N MET A 72 -3.06 -9.74 -8.45
CA MET A 72 -1.79 -9.86 -7.73
C MET A 72 -0.70 -10.41 -8.65
N ARG A 73 -1.11 -11.00 -9.76
CA ARG A 73 -0.18 -11.54 -10.73
C ARG A 73 0.22 -10.46 -11.72
N THR A 74 -0.66 -9.48 -11.90
CA THR A 74 -0.43 -8.39 -12.82
C THR A 74 0.39 -7.28 -12.17
N GLY A 75 0.10 -7.00 -10.90
CA GLY A 75 0.81 -5.96 -10.19
C GLY A 75 2.24 -6.33 -9.86
N GLU A 76 3.11 -5.32 -9.83
CA GLU A 76 4.53 -5.55 -9.53
C GLU A 76 4.80 -5.15 -8.09
N GLY A 77 4.32 -3.99 -7.71
CA GLY A 77 4.50 -3.49 -6.36
C GLY A 77 3.20 -3.55 -5.58
N PHE A 78 3.30 -3.85 -4.30
CA PHE A 78 2.12 -3.95 -3.46
C PHE A 78 2.20 -3.04 -2.25
N LEU A 79 1.12 -2.31 -1.99
CA LEU A 79 1.06 -1.40 -0.87
C LEU A 79 0.36 -2.04 0.31
N CYS A 80 1.06 -2.17 1.42
CA CYS A 80 0.49 -2.75 2.63
C CYS A 80 -0.02 -1.63 3.54
N VAL A 81 -1.17 -1.08 3.16
CA VAL A 81 -1.77 0.01 3.91
C VAL A 81 -2.67 -0.53 5.02
N PHE A 82 -2.37 -0.16 6.25
CA PHE A 82 -3.16 -0.61 7.40
C PHE A 82 -3.46 0.55 8.34
N ALA A 83 -4.35 0.33 9.29
CA ALA A 83 -4.72 1.36 10.24
C ALA A 83 -4.09 1.07 11.60
N ILE A 84 -3.59 2.11 12.27
CA ILE A 84 -2.96 1.94 13.57
C ILE A 84 -4.00 1.81 14.67
N ASN A 85 -5.23 2.23 14.36
CA ASN A 85 -6.32 2.16 15.33
C ASN A 85 -6.91 0.76 15.35
N ASN A 86 -6.93 0.12 14.20
CA ASN A 86 -7.47 -1.23 14.07
C ASN A 86 -6.36 -2.24 13.94
N THR A 87 -6.16 -3.05 14.97
CA THR A 87 -5.10 -4.06 14.98
C THR A 87 -5.45 -5.26 14.10
N LYS A 88 -6.71 -5.37 13.70
CA LYS A 88 -7.14 -6.48 12.86
C LYS A 88 -6.41 -6.45 11.51
N SER A 89 -6.31 -5.26 10.92
CA SER A 89 -5.62 -5.09 9.65
C SER A 89 -4.13 -5.37 9.81
N PHE A 90 -3.65 -5.33 11.05
CA PHE A 90 -2.24 -5.57 11.35
C PHE A 90 -2.00 -7.07 11.52
N GLU A 91 -3.01 -7.77 11.99
CA GLU A 91 -2.93 -9.21 12.19
C GLU A 91 -3.21 -9.94 10.87
N ASP A 92 -3.85 -9.24 9.95
CA ASP A 92 -4.19 -9.81 8.67
C ASP A 92 -3.12 -9.58 7.61
N ILE A 93 -1.97 -9.06 8.03
CA ILE A 93 -0.88 -8.81 7.11
C ILE A 93 -0.29 -10.14 6.63
N HIS A 94 -0.34 -11.14 7.50
CA HIS A 94 0.17 -12.46 7.17
C HIS A 94 -0.63 -13.10 6.04
N HIS A 95 -1.95 -12.91 6.06
CA HIS A 95 -2.82 -13.45 5.02
C HIS A 95 -2.41 -12.94 3.65
N TYR A 96 -2.30 -11.62 3.54
CA TYR A 96 -1.90 -10.99 2.29
C TYR A 96 -0.50 -11.45 1.89
N ARG A 97 0.36 -11.67 2.88
CA ARG A 97 1.72 -12.11 2.65
C ARG A 97 1.72 -13.49 2.00
N GLU A 98 0.91 -14.40 2.55
CA GLU A 98 0.81 -15.77 2.02
C GLU A 98 0.23 -15.78 0.62
N GLN A 99 -0.83 -15.00 0.42
CA GLN A 99 -1.49 -14.94 -0.89
C GLN A 99 -0.52 -14.47 -1.97
N ILE A 100 0.09 -13.30 -1.75
CA ILE A 100 1.03 -12.74 -2.71
C ILE A 100 2.21 -13.70 -2.96
N LYS A 101 2.70 -14.32 -1.89
CA LYS A 101 3.81 -15.25 -1.98
C LYS A 101 3.49 -16.41 -2.93
N ARG A 102 2.30 -16.96 -2.80
CA ARG A 102 1.87 -18.07 -3.62
C ARG A 102 1.48 -17.62 -5.04
N VAL A 103 0.96 -16.41 -5.16
CA VAL A 103 0.54 -15.88 -6.45
C VAL A 103 1.74 -15.45 -7.31
N LYS A 104 2.73 -14.85 -6.68
CA LYS A 104 3.92 -14.37 -7.38
C LYS A 104 5.01 -15.42 -7.43
N ASP A 105 4.78 -16.55 -6.74
CA ASP A 105 5.76 -17.64 -6.68
C ASP A 105 7.07 -17.15 -6.10
N SER A 106 6.97 -16.30 -5.09
CA SER A 106 8.14 -15.72 -4.45
C SER A 106 7.84 -15.37 -3.00
N GLU A 107 8.72 -15.79 -2.09
CA GLU A 107 8.56 -15.51 -0.68
C GLU A 107 8.97 -14.07 -0.41
N ASP A 108 9.89 -13.58 -1.24
CA ASP A 108 10.39 -12.23 -1.13
C ASP A 108 9.83 -11.35 -2.24
N VAL A 109 9.11 -10.31 -1.85
CA VAL A 109 8.51 -9.37 -2.79
C VAL A 109 8.53 -7.95 -2.21
N PRO A 110 9.02 -6.97 -3.00
CA PRO A 110 9.09 -5.58 -2.56
C PRO A 110 7.75 -5.00 -2.16
N MET A 111 7.57 -4.80 -0.86
CA MET A 111 6.33 -4.24 -0.33
C MET A 111 6.66 -3.23 0.77
N VAL A 112 5.74 -2.33 1.04
CA VAL A 112 5.94 -1.32 2.07
C VAL A 112 4.79 -1.31 3.06
N LEU A 113 5.11 -1.26 4.34
CA LEU A 113 4.09 -1.24 5.38
C LEU A 113 3.76 0.19 5.75
N VAL A 114 2.65 0.68 5.24
CA VAL A 114 2.23 2.05 5.50
C VAL A 114 1.02 2.13 6.41
N GLY A 115 1.20 2.79 7.54
CA GLY A 115 0.11 2.94 8.48
C GLY A 115 -0.60 4.26 8.25
N ASN A 116 -1.81 4.19 7.71
CA ASN A 116 -2.58 5.40 7.43
C ASN A 116 -3.20 5.96 8.69
N LYS A 117 -3.34 7.27 8.73
CA LYS A 117 -3.93 7.99 9.87
C LYS A 117 -3.08 7.79 11.11
N SER A 118 -1.77 7.97 10.97
CA SER A 118 -0.83 7.82 12.07
C SER A 118 -0.97 8.97 13.06
N ASP A 119 -1.82 9.93 12.74
CA ASP A 119 -2.05 11.08 13.59
C ASP A 119 -3.25 10.83 14.52
N LEU A 120 -3.80 9.62 14.43
CA LEU A 120 -4.94 9.25 15.26
C LEU A 120 -4.54 9.15 16.74
N PRO A 121 -5.42 9.60 17.64
CA PRO A 121 -5.15 9.57 19.09
C PRO A 121 -5.06 8.15 19.65
N SER A 122 -5.78 7.23 19.04
CA SER A 122 -5.79 5.85 19.50
C SER A 122 -4.70 5.03 18.81
N ARG A 123 -3.55 4.93 19.44
CA ARG A 123 -2.43 4.19 18.89
C ARG A 123 -2.45 2.76 19.41
N THR A 124 -3.38 1.96 18.89
CA THR A 124 -3.50 0.58 19.30
C THR A 124 -2.26 -0.21 18.88
N VAL A 125 -1.94 -0.15 17.60
CA VAL A 125 -0.76 -0.83 17.08
C VAL A 125 0.49 -0.07 17.48
N ASP A 126 1.30 -0.69 18.34
CA ASP A 126 2.53 -0.06 18.80
C ASP A 126 3.57 -0.01 17.69
N THR A 127 4.33 1.09 17.67
CA THR A 127 5.37 1.30 16.66
C THR A 127 6.41 0.17 16.66
N LYS A 128 6.75 -0.32 17.84
CA LYS A 128 7.73 -1.39 17.96
C LYS A 128 7.15 -2.69 17.44
N GLN A 129 5.87 -2.91 17.72
CA GLN A 129 5.18 -4.11 17.28
C GLN A 129 5.10 -4.12 15.75
N ALA A 130 4.76 -2.96 15.18
CA ALA A 130 4.64 -2.81 13.74
C ALA A 130 5.98 -3.01 13.06
N GLN A 131 7.01 -2.36 13.58
CA GLN A 131 8.34 -2.46 13.00
C GLN A 131 8.91 -3.87 13.14
N ASP A 132 8.58 -4.54 14.23
CA ASP A 132 9.05 -5.91 14.45
C ASP A 132 8.50 -6.85 13.40
N LEU A 133 7.20 -6.76 13.17
CA LEU A 133 6.53 -7.59 12.18
C LEU A 133 7.02 -7.24 10.78
N ALA A 134 7.18 -5.95 10.52
CA ALA A 134 7.64 -5.47 9.23
C ALA A 134 9.04 -6.00 8.91
N ARG A 135 9.92 -5.96 9.90
CA ARG A 135 11.29 -6.43 9.73
C ARG A 135 11.34 -7.92 9.43
N SER A 136 10.38 -8.67 9.95
CA SER A 136 10.32 -10.10 9.71
C SER A 136 9.87 -10.39 8.28
N TYR A 137 9.06 -9.49 7.73
CA TYR A 137 8.56 -9.65 6.37
C TYR A 137 9.54 -9.03 5.37
N GLY A 138 10.56 -8.34 5.89
CA GLY A 138 11.55 -7.71 5.03
C GLY A 138 11.00 -6.48 4.34
N ILE A 139 10.09 -5.79 5.02
CA ILE A 139 9.47 -4.60 4.48
C ILE A 139 9.64 -3.42 5.45
N PRO A 140 9.89 -2.22 4.93
CA PRO A 140 10.06 -1.03 5.77
C PRO A 140 8.72 -0.48 6.26
N PHE A 141 8.71 -0.01 7.50
CA PHE A 141 7.50 0.55 8.09
C PHE A 141 7.49 2.07 7.93
N ILE A 142 6.40 2.58 7.38
CA ILE A 142 6.26 4.02 7.16
C ILE A 142 4.93 4.51 7.69
N GLU A 143 4.94 5.62 8.40
CA GLU A 143 3.72 6.21 8.92
C GLU A 143 3.20 7.23 7.92
N THR A 144 1.96 7.05 7.49
CA THR A 144 1.37 7.95 6.50
C THR A 144 0.07 8.57 6.96
N SER A 145 0.06 9.88 7.16
CA SER A 145 -1.15 10.58 7.57
C SER A 145 -1.70 11.37 6.39
N ALA A 146 -2.87 10.98 5.91
CA ALA A 146 -3.49 11.63 4.75
C ALA A 146 -4.14 12.97 5.13
N LYS A 147 -4.60 13.08 6.35
CA LYS A 147 -5.28 14.30 6.79
C LYS A 147 -4.32 15.48 6.97
N THR A 148 -3.05 15.20 7.22
CA THR A 148 -2.07 16.26 7.43
C THR A 148 -0.87 16.11 6.50
N ARG A 149 -0.93 15.11 5.62
CA ARG A 149 0.16 14.84 4.66
C ARG A 149 1.51 14.68 5.38
N GLN A 150 1.69 13.52 6.00
CA GLN A 150 2.91 13.23 6.72
C GLN A 150 3.39 11.83 6.37
N GLY A 151 4.56 11.75 5.75
CA GLY A 151 5.13 10.46 5.37
C GLY A 151 4.67 9.98 4.01
N VAL A 152 3.77 10.74 3.39
CA VAL A 152 3.24 10.37 2.09
C VAL A 152 4.27 10.60 0.99
N ASP A 153 5.04 11.67 1.14
CA ASP A 153 6.08 12.02 0.17
C ASP A 153 7.35 11.22 0.41
N ASP A 154 7.19 10.00 0.91
CA ASP A 154 8.33 9.14 1.19
C ASP A 154 8.05 7.71 0.75
N ALA A 155 6.94 7.17 1.22
CA ALA A 155 6.52 5.80 0.90
C ALA A 155 6.41 5.56 -0.60
N PHE A 156 5.93 6.55 -1.33
CA PHE A 156 5.76 6.44 -2.78
C PHE A 156 7.09 6.38 -3.52
N TYR A 157 8.20 6.56 -2.81
CA TYR A 157 9.51 6.53 -3.42
C TYR A 157 10.27 5.26 -3.04
N THR A 158 10.21 4.88 -1.77
CA THR A 158 10.91 3.70 -1.29
C THR A 158 10.43 2.44 -1.99
N LEU A 159 9.12 2.31 -2.17
CA LEU A 159 8.54 1.15 -2.83
C LEU A 159 9.11 0.95 -4.23
N VAL A 160 9.12 2.03 -5.01
CA VAL A 160 9.63 1.98 -6.38
C VAL A 160 11.10 1.59 -6.41
N ARG A 161 11.88 2.13 -5.48
CA ARG A 161 13.31 1.82 -5.40
C ARG A 161 13.53 0.33 -5.15
N GLU A 162 12.68 -0.24 -4.30
CA GLU A 162 12.78 -1.66 -3.97
C GLU A 162 12.44 -2.53 -5.17
N ILE A 163 11.46 -2.10 -5.95
CA ILE A 163 11.06 -2.83 -7.15
C ILE A 163 12.22 -2.88 -8.14
N ARG A 164 12.93 -1.76 -8.25
CA ARG A 164 14.06 -1.66 -9.17
C ARG A 164 15.19 -2.59 -8.73
N LYS A 165 15.44 -2.64 -7.42
CA LYS A 165 16.49 -3.48 -6.86
C LYS A 165 16.15 -4.95 -7.04
N HIS A 166 14.85 -5.24 -7.16
CA HIS A 166 14.38 -6.61 -7.34
C HIS A 166 14.52 -7.03 -8.80
N LYS A 167 14.73 -6.06 -9.68
CA LYS A 167 14.88 -6.34 -11.10
C LYS A 167 16.36 -6.55 -11.44
N GLU A 168 17.19 -5.61 -11.05
CA GLU A 168 18.62 -5.71 -11.30
C GLU A 168 19.40 -5.72 -9.99
C4 UAO B . -2.03 -4.55 -12.01
C5 UAO B . -4.17 -4.59 -13.27
C6 UAO B . -6.29 -3.80 -14.42
C7 UAO B . -6.70 -5.28 -14.41
N12 UAO B . -4.52 -2.42 -13.25
C13 UAO B . -3.37 -2.65 -12.61
O UAO B . -7.00 -4.35 -17.78
C11 UAO B . -6.90 -4.34 -16.54
C9 UAO B . -7.66 -5.27 -15.60
N UAO B . -6.13 -3.51 -15.86
C12 UAO B . -4.99 -3.59 -13.64
C14 UAO B . -3.16 -4.02 -12.62
C3 UAO B . -1.12 -3.72 -11.38
C2 UAO B . -1.34 -2.34 -11.37
C1 UAO B . -2.46 -1.81 -11.98
H4 UAO B . -1.85 -5.63 -12.03
H5 UAO B . -4.29 -5.64 -13.50
H6 UAO B . -7.09 -3.15 -14.04
H8 UAO B . -5.86 -5.96 -14.61
H7 UAO B . -7.14 -5.59 -13.46
H12 UAO B . -4.94 -1.53 -13.40
H10 UAO B . -8.63 -4.82 -15.37
H9 UAO B . -7.80 -6.27 -16.04
H67 UAO B . -5.79 -2.64 -16.24
H3 UAO B . -0.23 -4.13 -10.91
H2 UAO B . -0.62 -1.68 -10.88
H1 UAO B . -2.62 -0.73 -12.00
N MET A 1 9.22 5.70 -21.71
CA MET A 1 8.79 5.99 -20.34
C MET A 1 8.56 4.71 -19.56
N THR A 2 9.10 4.65 -18.35
CA THR A 2 8.93 3.47 -17.51
C THR A 2 7.58 3.49 -16.80
N GLU A 3 6.87 2.39 -16.87
CA GLU A 3 5.56 2.26 -16.25
C GLU A 3 5.64 1.29 -15.09
N TYR A 4 4.89 1.55 -14.03
CA TYR A 4 4.88 0.70 -12.86
C TYR A 4 3.46 0.32 -12.45
N LYS A 5 3.25 -0.94 -12.13
CA LYS A 5 1.94 -1.44 -11.71
C LYS A 5 1.86 -1.47 -10.19
N LEU A 6 1.08 -0.56 -9.64
CA LEU A 6 0.92 -0.46 -8.20
C LEU A 6 -0.41 -1.07 -7.75
N VAL A 7 -0.38 -1.78 -6.63
CA VAL A 7 -1.58 -2.41 -6.09
C VAL A 7 -1.81 -1.92 -4.66
N VAL A 8 -3.04 -1.50 -4.37
CA VAL A 8 -3.35 -1.02 -3.03
C VAL A 8 -4.32 -1.97 -2.32
N VAL A 9 -3.81 -2.68 -1.32
CA VAL A 9 -4.63 -3.61 -0.53
C VAL A 9 -4.62 -3.19 0.93
N GLY A 10 -5.48 -3.78 1.73
CA GLY A 10 -5.53 -3.44 3.13
C GLY A 10 -6.90 -3.63 3.73
N ALA A 11 -7.13 -3.02 4.89
CA ALA A 11 -8.40 -3.12 5.58
C ALA A 11 -9.46 -2.19 5.00
N VAL A 12 -10.68 -2.35 5.48
CA VAL A 12 -11.80 -1.53 5.01
C VAL A 12 -12.13 -0.48 6.06
N GLY A 13 -12.43 0.74 5.63
CA GLY A 13 -12.78 1.80 6.55
C GLY A 13 -11.55 2.55 7.07
N VAL A 14 -10.55 2.68 6.22
CA VAL A 14 -9.33 3.39 6.60
C VAL A 14 -9.10 4.58 5.68
N GLY A 15 -9.32 4.37 4.39
CA GLY A 15 -9.14 5.42 3.41
C GLY A 15 -7.95 5.11 2.52
N LYS A 16 -8.05 4.04 1.75
CA LYS A 16 -6.98 3.64 0.84
C LYS A 16 -6.81 4.64 -0.30
N SER A 17 -7.90 4.90 -1.00
CA SER A 17 -7.91 5.83 -2.12
C SER A 17 -7.55 7.25 -1.68
N ALA A 18 -7.80 7.57 -0.42
CA ALA A 18 -7.51 8.88 0.13
C ALA A 18 -6.03 9.24 -0.03
N LEU A 19 -5.18 8.25 0.23
CA LEU A 19 -3.74 8.44 0.11
C LEU A 19 -3.36 8.66 -1.35
N THR A 20 -3.96 7.87 -2.22
CA THR A 20 -3.70 7.96 -3.65
C THR A 20 -4.09 9.33 -4.20
N ILE A 21 -5.33 9.73 -3.95
CA ILE A 21 -5.85 11.01 -4.44
C ILE A 21 -5.06 12.19 -3.88
N GLN A 22 -4.58 12.06 -2.65
CA GLN A 22 -3.81 13.12 -2.00
C GLN A 22 -2.49 13.37 -2.74
N LEU A 23 -1.95 12.34 -3.36
CA LEU A 23 -0.69 12.45 -4.09
C LEU A 23 -0.91 12.64 -5.59
N ILE A 24 -2.01 12.10 -6.11
CA ILE A 24 -2.32 12.21 -7.53
C ILE A 24 -2.73 13.63 -7.93
N GLN A 25 -3.85 14.10 -7.40
CA GLN A 25 -4.32 15.44 -7.72
C GLN A 25 -4.34 16.33 -6.50
N ASN A 26 -3.69 15.88 -5.44
CA ASN A 26 -3.61 16.62 -4.19
C ASN A 26 -4.99 17.01 -3.67
N HIS A 27 -5.90 16.06 -3.69
CA HIS A 27 -7.26 16.30 -3.22
C HIS A 27 -7.51 15.51 -1.95
N PHE A 28 -8.13 16.18 -0.98
CA PHE A 28 -8.44 15.56 0.29
C PHE A 28 -9.89 15.11 0.31
N VAL A 29 -10.09 13.80 0.27
CA VAL A 29 -11.44 13.24 0.28
C VAL A 29 -11.80 12.76 1.68
N ASP A 30 -12.66 13.52 2.34
CA ASP A 30 -13.09 13.18 3.69
C ASP A 30 -14.25 12.20 3.64
N GLU A 31 -15.03 12.28 2.58
CA GLU A 31 -16.16 11.39 2.39
C GLU A 31 -15.69 10.00 1.98
N TYR A 32 -15.88 9.03 2.87
CA TYR A 32 -15.47 7.66 2.59
C TYR A 32 -16.31 7.07 1.47
N ASP A 33 -15.65 6.63 0.41
CA ASP A 33 -16.32 6.04 -0.73
C ASP A 33 -15.86 4.59 -0.90
N PRO A 34 -16.82 3.66 -1.00
CA PRO A 34 -16.50 2.23 -1.18
C PRO A 34 -15.86 1.95 -2.54
N THR A 35 -14.54 2.08 -2.59
CA THR A 35 -13.79 1.85 -3.81
C THR A 35 -13.80 0.37 -4.18
N ILE A 36 -14.52 0.06 -5.25
CA ILE A 36 -14.61 -1.31 -5.74
C ILE A 36 -13.34 -1.67 -6.48
N GLU A 37 -12.97 -0.83 -7.44
CA GLU A 37 -11.78 -1.03 -8.24
C GLU A 37 -11.49 0.22 -9.07
N ASP A 38 -10.58 1.05 -8.60
CA ASP A 38 -10.23 2.28 -9.31
C ASP A 38 -8.78 2.24 -9.76
N SER A 39 -8.41 3.18 -10.61
CA SER A 39 -7.04 3.24 -11.12
C SER A 39 -6.62 4.69 -11.37
N TYR A 40 -5.83 5.23 -10.46
CA TYR A 40 -5.34 6.60 -10.60
C TYR A 40 -3.93 6.60 -11.18
N ARG A 41 -3.80 7.13 -12.39
CA ARG A 41 -2.51 7.17 -13.06
C ARG A 41 -1.97 8.60 -13.16
N LYS A 42 -0.65 8.72 -13.06
CA LYS A 42 0.00 10.03 -13.13
C LYS A 42 1.51 9.87 -13.31
N GLN A 43 2.13 10.83 -13.96
CA GLN A 43 3.57 10.82 -14.15
C GLN A 43 4.22 11.51 -12.96
N VAL A 44 4.75 10.71 -12.05
CA VAL A 44 5.38 11.25 -10.86
C VAL A 44 6.89 11.04 -10.92
N VAL A 45 7.63 12.02 -10.44
CA VAL A 45 9.08 11.93 -10.42
C VAL A 45 9.53 11.00 -9.31
N ILE A 46 9.80 9.75 -9.65
CA ILE A 46 10.22 8.77 -8.66
C ILE A 46 11.74 8.71 -8.57
N ASP A 47 12.25 9.18 -7.44
CA ASP A 47 13.69 9.19 -7.17
C ASP A 47 14.44 9.92 -8.27
N GLY A 48 13.86 11.02 -8.75
CA GLY A 48 14.48 11.81 -9.79
C GLY A 48 14.09 11.40 -11.20
N GLU A 49 13.33 10.33 -11.33
CA GLU A 49 12.91 9.85 -12.66
C GLU A 49 11.39 9.81 -12.79
N THR A 50 10.86 10.66 -13.67
CA THR A 50 9.44 10.73 -13.92
C THR A 50 8.96 9.48 -14.64
N CYS A 51 8.06 8.75 -13.99
CA CYS A 51 7.53 7.52 -14.57
C CYS A 51 6.01 7.51 -14.46
N LEU A 52 5.37 6.61 -15.19
CA LEU A 52 3.91 6.51 -15.17
C LEU A 52 3.49 5.47 -14.14
N LEU A 53 2.81 5.93 -13.10
CA LEU A 53 2.35 5.05 -12.05
C LEU A 53 0.89 4.64 -12.27
N ASP A 54 0.69 3.35 -12.47
CA ASP A 54 -0.65 2.80 -12.66
C ASP A 54 -1.08 2.18 -11.35
N ILE A 55 -1.60 3.01 -10.47
CA ILE A 55 -2.03 2.57 -9.14
C ILE A 55 -3.43 1.98 -9.17
N LEU A 56 -3.53 0.68 -8.94
CA LEU A 56 -4.81 -0.01 -8.93
C LEU A 56 -5.31 -0.18 -7.50
N ASP A 57 -6.37 0.51 -7.16
CA ASP A 57 -6.97 0.41 -5.83
C ASP A 57 -8.19 -0.47 -5.87
N THR A 58 -8.03 -1.71 -5.45
CA THR A 58 -9.12 -2.67 -5.47
C THR A 58 -9.59 -2.99 -4.07
N ALA A 59 -10.83 -3.44 -3.97
CA ALA A 59 -11.43 -3.81 -2.69
C ALA A 59 -10.85 -5.13 -2.18
N GLY A 60 -10.48 -5.15 -0.91
CA GLY A 60 -9.90 -6.34 -0.32
C GLY A 60 -10.87 -7.05 0.58
N GLN A 61 -12.12 -7.10 0.17
CA GLN A 61 -13.17 -7.74 0.95
C GLN A 61 -13.30 -9.21 0.58
N GLU A 62 -13.96 -9.97 1.44
CA GLU A 62 -14.14 -11.41 1.22
C GLU A 62 -15.02 -11.72 0.01
N GLU A 63 -15.70 -10.70 -0.49
CA GLU A 63 -16.55 -10.87 -1.67
C GLU A 63 -15.75 -10.67 -2.94
N TYR A 64 -14.49 -10.33 -2.79
CA TYR A 64 -13.61 -10.10 -3.95
C TYR A 64 -12.35 -10.95 -3.85
N SER A 65 -12.48 -12.10 -3.21
CA SER A 65 -11.36 -13.02 -3.03
C SER A 65 -10.90 -13.59 -4.37
N ALA A 66 -11.86 -13.97 -5.21
CA ALA A 66 -11.56 -14.54 -6.52
C ALA A 66 -10.85 -13.52 -7.40
N MET A 67 -10.93 -12.25 -7.03
CA MET A 67 -10.27 -11.19 -7.77
C MET A 67 -8.90 -10.90 -7.20
N ARG A 68 -8.76 -11.07 -5.88
CA ARG A 68 -7.50 -10.83 -5.20
C ARG A 68 -6.38 -11.70 -5.75
N ASP A 69 -6.62 -13.01 -5.81
CA ASP A 69 -5.62 -13.97 -6.32
C ASP A 69 -5.41 -13.85 -7.82
N GLN A 70 -6.05 -12.87 -8.44
CA GLN A 70 -5.94 -12.68 -9.88
C GLN A 70 -4.91 -11.59 -10.21
N TYR A 71 -5.19 -10.36 -9.82
CA TYR A 71 -4.30 -9.24 -10.11
C TYR A 71 -2.98 -9.29 -9.33
N MET A 72 -2.91 -10.19 -8.36
CA MET A 72 -1.70 -10.32 -7.55
C MET A 72 -0.51 -10.77 -8.41
N ARG A 73 -0.81 -11.37 -9.54
CA ARG A 73 0.24 -11.82 -10.46
C ARG A 73 0.68 -10.69 -11.37
N THR A 74 -0.28 -9.85 -11.74
CA THR A 74 -0.03 -8.73 -12.64
C THR A 74 0.65 -7.56 -11.91
N GLY A 75 0.27 -7.34 -10.65
CA GLY A 75 0.83 -6.25 -9.87
C GLY A 75 2.30 -6.43 -9.57
N GLU A 76 3.01 -5.31 -9.39
CA GLU A 76 4.43 -5.33 -9.10
C GLU A 76 4.69 -4.85 -7.67
N GLY A 77 4.28 -3.62 -7.39
CA GLY A 77 4.47 -3.06 -6.07
C GLY A 77 3.28 -3.30 -5.18
N PHE A 78 3.53 -3.87 -4.02
CA PHE A 78 2.45 -4.17 -3.07
C PHE A 78 2.54 -3.29 -1.82
N LEU A 79 1.51 -2.48 -1.64
CA LEU A 79 1.44 -1.59 -0.49
C LEU A 79 0.54 -2.19 0.59
N CYS A 80 1.17 -2.61 1.68
CA CYS A 80 0.45 -3.20 2.80
C CYS A 80 -0.02 -2.08 3.72
N VAL A 81 -1.19 -1.52 3.40
CA VAL A 81 -1.75 -0.43 4.18
C VAL A 81 -2.59 -0.96 5.34
N PHE A 82 -2.32 -0.45 6.54
CA PHE A 82 -3.05 -0.85 7.73
C PHE A 82 -3.34 0.38 8.58
N ALA A 83 -4.13 0.19 9.63
CA ALA A 83 -4.48 1.28 10.53
C ALA A 83 -3.89 1.03 11.92
N ILE A 84 -3.33 2.07 12.51
CA ILE A 84 -2.73 1.96 13.84
C ILE A 84 -3.81 1.89 14.91
N ASN A 85 -5.02 2.25 14.53
CA ASN A 85 -6.16 2.22 15.45
C ASN A 85 -6.78 0.83 15.51
N ASN A 86 -6.82 0.16 14.36
CA ASN A 86 -7.39 -1.18 14.28
C ASN A 86 -6.29 -2.22 14.13
N THR A 87 -6.02 -2.94 15.20
CA THR A 87 -4.98 -3.98 15.22
C THR A 87 -5.26 -5.11 14.23
N LYS A 88 -6.55 -5.38 14.00
CA LYS A 88 -6.95 -6.44 13.09
C LYS A 88 -6.39 -6.20 11.68
N SER A 89 -6.37 -4.94 11.26
CA SER A 89 -5.87 -4.57 9.94
C SER A 89 -4.39 -4.92 9.79
N PHE A 90 -3.67 -4.95 10.90
CA PHE A 90 -2.25 -5.25 10.88
C PHE A 90 -2.01 -6.76 10.94
N GLU A 91 -2.89 -7.46 11.64
CA GLU A 91 -2.77 -8.90 11.79
C GLU A 91 -3.25 -9.64 10.54
N ASP A 92 -4.27 -9.09 9.90
CA ASP A 92 -4.86 -9.70 8.69
C ASP A 92 -3.89 -9.68 7.51
N ILE A 93 -2.81 -8.92 7.64
CA ILE A 93 -1.81 -8.84 6.57
C ILE A 93 -1.03 -10.15 6.48
N HIS A 94 -1.07 -10.95 7.54
CA HIS A 94 -0.37 -12.23 7.54
C HIS A 94 -0.95 -13.13 6.45
N HIS A 95 -2.27 -13.12 6.33
CA HIS A 95 -2.96 -13.89 5.32
C HIS A 95 -2.50 -13.45 3.94
N TYR A 96 -2.40 -12.14 3.74
CA TYR A 96 -1.97 -11.57 2.47
C TYR A 96 -0.53 -11.98 2.17
N ARG A 97 0.31 -12.01 3.19
CA ARG A 97 1.71 -12.40 3.04
C ARG A 97 1.81 -13.79 2.44
N GLU A 98 1.01 -14.72 2.97
CA GLU A 98 1.00 -16.09 2.48
C GLU A 98 0.26 -16.20 1.16
N GLN A 99 -0.79 -15.39 1.00
CA GLN A 99 -1.60 -15.37 -0.21
C GLN A 99 -0.81 -14.89 -1.42
N ILE A 100 -0.22 -13.70 -1.31
CA ILE A 100 0.54 -13.11 -2.41
C ILE A 100 1.75 -13.96 -2.77
N LYS A 101 2.43 -14.50 -1.77
CA LYS A 101 3.60 -15.33 -1.99
C LYS A 101 3.26 -16.51 -2.90
N ARG A 102 2.08 -17.07 -2.70
CA ARG A 102 1.63 -18.21 -3.50
C ARG A 102 1.38 -17.79 -4.94
N VAL A 103 0.70 -16.66 -5.14
CA VAL A 103 0.38 -16.17 -6.48
C VAL A 103 1.63 -15.68 -7.21
N LYS A 104 2.60 -15.21 -6.45
CA LYS A 104 3.84 -14.69 -7.03
C LYS A 104 4.87 -15.79 -7.27
N ASP A 105 4.73 -16.89 -6.54
CA ASP A 105 5.65 -18.02 -6.64
C ASP A 105 7.06 -17.62 -6.23
N SER A 106 7.13 -16.55 -5.47
CA SER A 106 8.40 -16.01 -5.00
C SER A 106 8.26 -15.57 -3.56
N GLU A 107 9.13 -16.08 -2.70
CA GLU A 107 9.10 -15.72 -1.28
C GLU A 107 9.66 -14.32 -1.10
N ASP A 108 10.53 -13.93 -2.01
CA ASP A 108 11.13 -12.60 -1.97
C ASP A 108 10.38 -11.70 -2.94
N VAL A 109 9.77 -10.65 -2.42
CA VAL A 109 9.01 -9.72 -3.24
C VAL A 109 8.95 -8.35 -2.58
N PRO A 110 9.19 -7.28 -3.37
CA PRO A 110 9.17 -5.90 -2.87
C PRO A 110 7.80 -5.46 -2.37
N MET A 111 7.73 -5.17 -1.09
CA MET A 111 6.50 -4.72 -0.45
C MET A 111 6.80 -3.59 0.53
N VAL A 112 5.81 -2.77 0.80
CA VAL A 112 5.96 -1.65 1.73
C VAL A 112 4.83 -1.64 2.75
N LEU A 113 5.19 -1.63 4.03
CA LEU A 113 4.20 -1.60 5.10
C LEU A 113 3.92 -0.16 5.49
N VAL A 114 2.71 0.30 5.23
CA VAL A 114 2.34 1.68 5.54
C VAL A 114 1.16 1.77 6.49
N GLY A 115 1.37 2.51 7.57
CA GLY A 115 0.32 2.69 8.55
C GLY A 115 -0.35 4.03 8.35
N ASN A 116 -1.59 4.02 7.85
CA ASN A 116 -2.33 5.25 7.57
C ASN A 116 -3.11 5.74 8.79
N LYS A 117 -3.53 7.00 8.73
CA LYS A 117 -4.29 7.64 9.79
C LYS A 117 -3.51 7.71 11.09
N SER A 118 -2.26 8.15 10.99
CA SER A 118 -1.39 8.29 12.14
C SER A 118 -1.77 9.54 12.92
N ASP A 119 -2.63 10.35 12.32
CA ASP A 119 -3.09 11.59 12.93
C ASP A 119 -4.16 11.33 13.99
N LEU A 120 -4.39 10.05 14.28
CA LEU A 120 -5.36 9.66 15.29
C LEU A 120 -4.71 9.65 16.67
N PRO A 121 -5.41 10.20 17.68
CA PRO A 121 -4.90 10.26 19.06
C PRO A 121 -4.78 8.86 19.68
N SER A 122 -5.55 7.93 19.15
CA SER A 122 -5.53 6.56 19.65
C SER A 122 -4.57 5.71 18.83
N ARG A 123 -3.63 5.06 19.50
CA ARG A 123 -2.66 4.22 18.81
C ARG A 123 -2.59 2.83 19.43
N THR A 124 -3.44 1.94 18.92
CA THR A 124 -3.51 0.57 19.39
C THR A 124 -2.28 -0.22 18.94
N VAL A 125 -1.94 -0.08 17.67
CA VAL A 125 -0.78 -0.77 17.11
C VAL A 125 0.49 -0.02 17.46
N ASP A 126 1.38 -0.70 18.17
CA ASP A 126 2.64 -0.09 18.57
C ASP A 126 3.60 0.04 17.40
N THR A 127 4.25 1.19 17.30
CA THR A 127 5.19 1.47 16.23
C THR A 127 6.35 0.49 16.24
N LYS A 128 6.93 0.27 17.41
CA LYS A 128 8.06 -0.64 17.56
C LYS A 128 7.66 -2.05 17.14
N GLN A 129 6.49 -2.47 17.59
CA GLN A 129 5.95 -3.78 17.25
C GLN A 129 5.84 -3.94 15.73
N ALA A 130 5.30 -2.91 15.08
CA ALA A 130 5.12 -2.92 13.63
C ALA A 130 6.45 -3.02 12.90
N GLN A 131 7.41 -2.21 13.31
CA GLN A 131 8.74 -2.21 12.68
C GLN A 131 9.45 -3.54 12.88
N ASP A 132 9.35 -4.06 14.10
CA ASP A 132 9.98 -5.32 14.46
C ASP A 132 9.39 -6.48 13.67
N LEU A 133 8.08 -6.45 13.47
CA LEU A 133 7.40 -7.50 12.74
C LEU A 133 7.69 -7.40 11.25
N ALA A 134 7.76 -6.17 10.73
CA ALA A 134 8.02 -5.93 9.30
C ALA A 134 9.38 -6.50 8.89
N ARG A 135 10.31 -6.48 9.82
CA ARG A 135 11.66 -6.98 9.57
C ARG A 135 11.65 -8.48 9.32
N SER A 136 10.70 -9.18 9.92
CA SER A 136 10.59 -10.63 9.75
C SER A 136 10.09 -10.98 8.36
N TYR A 137 9.45 -10.02 7.69
CA TYR A 137 8.94 -10.23 6.35
C TYR A 137 9.87 -9.63 5.31
N GLY A 138 10.85 -8.87 5.78
CA GLY A 138 11.81 -8.25 4.90
C GLY A 138 11.26 -7.04 4.16
N ILE A 139 10.37 -6.31 4.81
CA ILE A 139 9.75 -5.14 4.20
C ILE A 139 9.89 -3.91 5.11
N PRO A 140 10.08 -2.73 4.51
CA PRO A 140 10.22 -1.48 5.27
C PRO A 140 8.87 -0.92 5.75
N PHE A 141 8.88 -0.29 6.90
CA PHE A 141 7.68 0.30 7.48
C PHE A 141 7.70 1.81 7.35
N ILE A 142 6.60 2.38 6.88
CA ILE A 142 6.49 3.83 6.70
C ILE A 142 5.16 4.33 7.25
N GLU A 143 5.18 5.49 7.90
CA GLU A 143 3.97 6.08 8.46
C GLU A 143 3.27 6.91 7.39
N THR A 144 1.94 6.89 7.38
CA THR A 144 1.19 7.63 6.39
C THR A 144 -0.06 8.29 6.96
N SER A 145 -0.45 9.40 6.36
CA SER A 145 -1.63 10.14 6.76
C SER A 145 -2.10 11.00 5.59
N ALA A 146 -3.36 10.83 5.20
CA ALA A 146 -3.92 11.60 4.09
C ALA A 146 -4.47 12.92 4.59
N LYS A 147 -4.77 12.96 5.88
CA LYS A 147 -5.32 14.14 6.52
C LYS A 147 -4.35 15.32 6.44
N THR A 148 -3.08 15.05 6.72
CA THR A 148 -2.07 16.11 6.69
C THR A 148 -0.98 15.82 5.66
N ARG A 149 -1.16 14.75 4.87
CA ARG A 149 -0.19 14.34 3.85
C ARG A 149 1.18 14.11 4.51
N GLN A 150 1.32 12.96 5.15
CA GLN A 150 2.57 12.62 5.83
C GLN A 150 3.12 11.29 5.36
N GLY A 151 4.33 11.32 4.82
CA GLY A 151 5.01 10.10 4.37
C GLY A 151 4.39 9.46 3.13
N VAL A 152 3.29 10.02 2.64
CA VAL A 152 2.61 9.47 1.48
C VAL A 152 3.47 9.58 0.22
N ASP A 153 4.16 10.71 0.10
CA ASP A 153 5.02 10.97 -1.05
C ASP A 153 6.12 9.92 -1.16
N ASP A 154 6.94 9.81 -0.12
CA ASP A 154 8.05 8.87 -0.11
C ASP A 154 7.59 7.42 -0.14
N ALA A 155 6.39 7.15 0.37
CA ALA A 155 5.86 5.80 0.39
C ALA A 155 5.85 5.20 -1.01
N PHE A 156 5.49 6.02 -1.99
CA PHE A 156 5.45 5.56 -3.38
C PHE A 156 6.87 5.45 -3.95
N TYR A 157 7.71 6.41 -3.60
CA TYR A 157 9.09 6.42 -4.09
C TYR A 157 9.84 5.21 -3.57
N THR A 158 9.72 4.95 -2.27
CA THR A 158 10.37 3.81 -1.65
C THR A 158 9.83 2.50 -2.21
N LEU A 159 8.55 2.49 -2.57
CA LEU A 159 7.94 1.29 -3.15
C LEU A 159 8.66 0.92 -4.44
N VAL A 160 8.90 1.93 -5.28
CA VAL A 160 9.58 1.71 -6.53
C VAL A 160 11.04 1.37 -6.28
N ARG A 161 11.62 2.00 -5.26
CA ARG A 161 13.02 1.75 -4.90
C ARG A 161 13.22 0.27 -4.61
N GLU A 162 12.27 -0.32 -3.88
CA GLU A 162 12.32 -1.74 -3.56
C GLU A 162 12.29 -2.59 -4.82
N ILE A 163 11.39 -2.22 -5.73
CA ILE A 163 11.24 -2.94 -7.00
C ILE A 163 12.53 -2.87 -7.81
N ARG A 164 13.10 -1.65 -7.92
CA ARG A 164 14.32 -1.43 -8.68
C ARG A 164 15.51 -2.19 -8.09
N LYS A 165 15.64 -2.16 -6.76
CA LYS A 165 16.74 -2.85 -6.09
C LYS A 165 16.61 -4.36 -6.26
N HIS A 166 15.38 -4.85 -6.31
CA HIS A 166 15.12 -6.26 -6.48
C HIS A 166 15.45 -6.71 -7.90
N LYS A 167 15.16 -5.86 -8.87
CA LYS A 167 15.43 -6.16 -10.27
C LYS A 167 16.91 -6.01 -10.60
N GLU A 168 17.50 -4.92 -10.16
CA GLU A 168 18.91 -4.66 -10.41
C GLU A 168 19.68 -4.53 -9.09
C4 UAO B . -2.20 -4.80 -11.54
C5 UAO B . -4.11 -5.42 -13.02
C6 UAO B . -6.02 -5.23 -14.65
C7 UAO B . -5.70 -6.63 -15.17
N12 UAO B . -4.53 -3.39 -13.74
C13 UAO B . -3.50 -3.31 -12.90
O UAO B . -6.91 -4.96 -18.01
C11 UAO B . -6.63 -5.30 -16.86
C9 UAO B . -6.71 -6.72 -16.31
N UAO B . -6.22 -4.47 -15.90
C12 UAO B . -4.88 -4.68 -13.80
C14 UAO B . -3.23 -4.60 -12.44
C3 UAO B . -1.45 -3.73 -11.09
C2 UAO B . -1.72 -2.44 -11.55
C1 UAO B . -2.75 -2.24 -12.46
H4 UAO B . -1.97 -5.81 -11.19
H5 UAO B . -4.14 -6.50 -12.92
H6 UAO B . -6.97 -5.20 -14.11
H8 UAO B . -4.68 -6.72 -15.57
H7 UAO B . -5.80 -7.40 -14.40
H12 UAO B . -4.96 -2.64 -14.24
H10 UAO B . -7.74 -6.91 -15.97
H9 UAO B . -6.43 -7.46 -17.07
H67 UAO B . -6.35 -3.46 -15.96
H3 UAO B . -0.63 -3.90 -10.38
H2 UAO B . -1.13 -1.61 -11.19
H1 UAO B . -2.94 -1.24 -12.82
#